data_8FYE
#
_entry.id   8FYE
#
_cell.length_a   1.00
_cell.length_b   1.00
_cell.length_c   1.00
_cell.angle_alpha   90.00
_cell.angle_beta   90.00
_cell.angle_gamma   90.00
#
_symmetry.space_group_name_H-M   'P 1'
#
loop_
_entity.id
_entity.type
_entity.pdbx_description
1 polymer 'Guanine nucleotide-binding protein G(i) subunit alpha-1'
2 polymer 'Guanine nucleotide-binding protein G(I)/G(S)/G(T) subunit beta-1'
3 polymer 'Guanine nucleotide-binding protein G(I)/G(S)/G(O) subunit gamma-2'
4 polymer 'Soluble cytochrome b562,5-hydroxytryptamine receptor 1A,5-hydroxytryptamine receptor 1A'
5 non-polymer 4-fluoro-5-methoxy-3-[2-(pyrrolidin-1-yl)ethyl]-1H-indole
6 non-polymer '[(2R)-1-[oxidanyl-[(2R,3R,5S,6R)-2,3,5,6-tetrakis(oxidanyl)-4-phosphonooxy-cyclohexyl]oxy-phosphoryl]oxy-3-tetradecanoyloxy-propan-2-yl] (5E,8E)-hexadeca-5,8,11,14-tetraenoate'
7 non-polymer 'CHOLESTEROL HEMISUCCINATE'
#
loop_
_entity_poly.entity_id
_entity_poly.type
_entity_poly.pdbx_seq_one_letter_code
_entity_poly.pdbx_strand_id
1 'polypeptide(L)'
;MGCTLSAEDKAAVERSKMIDRNLREDGEKAAREVKLLLLGAGESGKSTIVKQMKIIHEAGYSEEECKQYKAVVYSNTIQS
IIAIIRAMGRLKIDFGDSARADDARQLFVLAGAAEEGFMTAELAGVIKRLWKDSGVQACFNRSREYQLNDSAAYYLNDLD
RIAQPNYIPTQQDVLRTRVKTTGIVETHFTFKDLHFKMFDVGGQRSERKKWIHCFEGVTAIIFCVALSDYDLVLAEDEEM
NRMHESMKLFDSICNNKWFTDTSIILFLNKKDLFEEKIKKSPLTICYPEYAGSNTYEEAAAYIQCQFEDLNKRKDTKEIY
THFTCATDTKNVQFVFDAVTDVIIKNNLKDCGLF
;
A
2 'polypeptide(L)'
;MHHHHHHLEVLFQGPGSSGSELDQLRQEAEQLKNQIRDARKACADATLSQITNNIDPVGRIQMRTRRTLRGHLAKIYAMH
WGTDSRLLVSASQDGKLIIWDSYTTNKVHAIPLRSSWVMTCAYAPSGNYVACGGLDNICSIYNLKTREGNVRVSRELAGH
TGYLSCCRFLDDNQIVTSSGDTTCALWDIETGQQTTTFTGHTGDVMSLSLAPDTRLFVSGACDASAKLWDVREGMCRQTF
TGHESDINAICFFPNGNAFATGSDDATCRLFDLRADQELMTYSHDNIICGITSVSFSKSGRLLLAGYDDFNCNVWDALKA
DRAGVLAGHDNRVSCLGVTDDGMAVATGSWDSFLKIWN
;
B
3 'polypeptide(L)' MASNNTASIAQARKLVEQLKMEANIDRIKVSKAAADLMAYCEAHAKEDPLLTPVPASENPFREKKFFCAILGSAGSAGSA G
4 'polypeptide(L)'
;MKTIIALSYIFCLVFADYKDDDDAKLQTMHHHHHHHHHHENLYFQGGTTADLEDNWETLNDNLKVIEKADNAAQVKDALT
KMRAAALDAQKATPPKLEDKSPDSPEMKDFRHGFDILVGQIDDALKLANEGKVKEAQAAAEQLKTTRNAYIQKYLTGISD
VTVSYQVITSLLLGTLIFCAVLGNACVVAAIALERSLQNVANYLIGSLAVTDLMVSVLVLPMAALYQVLNKWTLGQVTCD
LFIALDVLCCTSSIWHLCAIALDRYWAITDPIDYVNKRTPRRAAALISLTWLIGFLISIPPMLGWRTPEDRSDPDACTIS
KDHGYTIYSTFGAFYIPLLLMLVLYGRIFRAARFRIRKTVKKVEKTGADTRHGASPAPQPKKSVNGESGSRNWRLGVESK
AGGALCANGAVRQGDDGAALEVIEVHRVGNSKEHLPLPSEAGPTPCAPASFERKNERNAEAKRKMALARERKTVKTLGII
MGTFILCWLPFFIVALVLPFCESSCHMPTLLGAIINWLGYSNSLLNPVIYAYFNKDFQNAFKKIIKCKFCRQ
;
R
#
loop_
_chem_comp.id
_chem_comp.type
_chem_comp.name
_chem_comp.formula
J40 non-polymer '[(2R)-1-[oxidanyl-[(2R,3R,5S,6R)-2,3,5,6-tetrakis(oxidanyl)-4-phosphonooxy-cyclohexyl]oxy-phosphoryl]oxy-3-tetradecanoyloxy-propan-2-yl] (5E,8E)-hexadeca-5,8,11,14-tetraenoate' 'C39 H68 O16 P2'
Y01 non-polymer 'CHOLESTEROL HEMISUCCINATE' 'C31 H50 O4'
YGH non-polymer 4-fluoro-5-methoxy-3-[2-(pyrrolidin-1-yl)ethyl]-1H-indole 'C15 H19 F N2 O'
#
# COMPACT_ATOMS: atom_id res chain seq x y z
N THR A 4 -14.85 17.94 27.29
CA THR A 4 -14.21 16.68 27.65
C THR A 4 -15.17 15.78 28.43
N LEU A 5 -15.59 16.26 29.61
CA LEU A 5 -16.50 15.48 30.44
C LEU A 5 -17.95 15.62 29.99
N SER A 6 -18.23 16.44 28.99
CA SER A 6 -19.60 16.64 28.55
C SER A 6 -20.17 15.35 27.96
N ALA A 7 -21.49 15.20 28.06
CA ALA A 7 -22.14 13.98 27.59
C ALA A 7 -21.98 13.81 26.09
N GLU A 8 -22.07 14.91 25.34
CA GLU A 8 -21.95 14.84 23.89
C GLU A 8 -20.57 14.34 23.47
N ASP A 9 -19.52 14.83 24.14
CA ASP A 9 -18.17 14.39 23.81
C ASP A 9 -17.97 12.91 24.09
N LYS A 10 -18.49 12.44 25.23
CA LYS A 10 -18.38 11.01 25.55
C LYS A 10 -19.15 10.16 24.54
N ALA A 11 -20.35 10.61 24.16
CA ALA A 11 -21.13 9.87 23.18
C ALA A 11 -20.40 9.81 21.84
N ALA A 12 -19.82 10.93 21.41
CA ALA A 12 -19.06 10.94 20.16
C ALA A 12 -17.85 10.02 20.24
N VAL A 13 -17.16 10.02 21.38
CA VAL A 13 -15.97 9.17 21.52
C VAL A 13 -16.36 7.69 21.48
N GLU A 14 -17.44 7.32 22.18
CA GLU A 14 -17.84 5.92 22.15
C GLU A 14 -18.39 5.51 20.79
N ARG A 15 -19.08 6.43 20.08
CA ARG A 15 -19.51 6.14 18.73
C ARG A 15 -18.32 5.91 17.80
N SER A 16 -17.28 6.74 17.93
CA SER A 16 -16.07 6.56 17.14
C SER A 16 -15.38 5.25 17.48
N LYS A 17 -15.36 4.88 18.75
CA LYS A 17 -14.74 3.61 19.15
C LYS A 17 -15.51 2.42 18.60
N MET A 18 -16.84 2.48 18.62
CA MET A 18 -17.65 1.42 18.02
C MET A 18 -17.40 1.32 16.52
N ILE A 19 -17.34 2.46 15.85
CA ILE A 19 -17.06 2.47 14.41
C ILE A 19 -15.67 1.88 14.14
N ASP A 20 -14.69 2.20 14.98
CA ASP A 20 -13.36 1.66 14.81
C ASP A 20 -13.33 0.16 15.01
N ARG A 21 -14.09 -0.34 15.99
CA ARG A 21 -14.17 -1.79 16.20
C ARG A 21 -14.79 -2.47 14.98
N ASN A 22 -15.85 -1.89 14.43
CA ASN A 22 -16.47 -2.48 13.24
C ASN A 22 -15.51 -2.45 12.05
N LEU A 23 -14.75 -1.36 11.90
CA LEU A 23 -13.77 -1.27 10.83
C LEU A 23 -12.70 -2.33 10.99
N ARG A 24 -12.22 -2.55 12.22
CA ARG A 24 -11.20 -3.55 12.45
C ARG A 24 -11.72 -4.95 12.15
N GLU A 25 -12.97 -5.24 12.55
CA GLU A 25 -13.56 -6.53 12.26
C GLU A 25 -13.70 -6.76 10.76
N ASP A 26 -14.17 -5.74 10.03
CA ASP A 26 -14.31 -5.88 8.58
C ASP A 26 -12.95 -6.04 7.91
N GLY A 27 -11.94 -5.32 8.39
CA GLY A 27 -10.62 -5.45 7.82
C GLY A 27 -10.02 -6.84 8.03
N GLU A 28 -10.15 -7.36 9.25
CA GLU A 28 -9.64 -8.71 9.49
C GLU A 28 -10.44 -9.76 8.74
N LYS A 29 -11.73 -9.53 8.53
CA LYS A 29 -12.53 -10.45 7.70
C LYS A 29 -12.06 -10.42 6.25
N ALA A 30 -11.77 -9.24 5.73
CA ALA A 30 -11.30 -9.13 4.35
C ALA A 30 -9.85 -9.60 4.19
N ALA A 31 -9.09 -9.68 5.29
CA ALA A 31 -7.72 -10.16 5.19
C ALA A 31 -7.66 -11.65 4.86
N ARG A 32 -8.76 -12.38 5.02
CA ARG A 32 -8.82 -13.79 4.68
C ARG A 32 -9.10 -14.04 3.21
N GLU A 33 -9.25 -12.98 2.42
CA GLU A 33 -9.62 -13.10 1.02
C GLU A 33 -8.37 -13.09 0.15
N VAL A 34 -8.35 -13.97 -0.84
CA VAL A 34 -7.26 -14.05 -1.80
C VAL A 34 -7.72 -13.31 -3.05
N LYS A 35 -7.08 -12.18 -3.34
CA LYS A 35 -7.49 -11.34 -4.45
C LYS A 35 -6.73 -11.72 -5.70
N LEU A 36 -7.45 -12.01 -6.78
CA LEU A 36 -6.87 -12.36 -8.07
C LEU A 36 -7.37 -11.37 -9.13
N LEU A 37 -6.45 -10.92 -9.98
CA LEU A 37 -6.80 -9.97 -11.04
C LEU A 37 -6.91 -10.74 -12.36
N LEU A 38 -8.12 -10.86 -12.88
CA LEU A 38 -8.33 -11.60 -14.12
C LEU A 38 -8.23 -10.65 -15.30
N LEU A 39 -7.41 -11.03 -16.29
CA LEU A 39 -7.13 -10.21 -17.46
C LEU A 39 -7.11 -11.08 -18.71
N GLY A 40 -7.08 -10.42 -19.86
CA GLY A 40 -7.03 -11.09 -21.15
C GLY A 40 -7.73 -10.27 -22.21
N ALA A 41 -7.68 -10.79 -23.44
CA ALA A 41 -8.35 -10.15 -24.56
C ALA A 41 -9.85 -10.35 -24.45
N GLY A 42 -10.59 -9.69 -25.35
CA GLY A 42 -12.04 -9.75 -25.33
C GLY A 42 -12.62 -11.15 -25.38
N GLU A 43 -12.46 -11.82 -26.52
CA GLU A 43 -12.91 -13.21 -26.67
C GLU A 43 -11.71 -14.15 -26.46
N SER A 44 -11.22 -14.13 -25.22
CA SER A 44 -10.06 -14.92 -24.84
C SER A 44 -10.37 -15.97 -23.78
N GLY A 45 -11.65 -16.35 -23.64
CA GLY A 45 -12.03 -17.36 -22.69
C GLY A 45 -12.15 -16.88 -21.25
N LYS A 46 -12.09 -15.57 -21.02
CA LYS A 46 -12.25 -15.05 -19.66
C LYS A 46 -13.60 -15.45 -19.07
N SER A 47 -14.68 -15.24 -19.83
CA SER A 47 -16.00 -15.65 -19.37
C SER A 47 -16.07 -17.16 -19.19
N THR A 48 -15.39 -17.91 -20.05
CA THR A 48 -15.35 -19.36 -19.91
C THR A 48 -14.72 -19.76 -18.58
N ILE A 49 -13.59 -19.14 -18.23
CA ILE A 49 -12.94 -19.44 -16.96
C ILE A 49 -13.85 -19.08 -15.79
N VAL A 50 -14.48 -17.89 -15.87
CA VAL A 50 -15.35 -17.44 -14.79
C VAL A 50 -16.50 -18.42 -14.58
N LYS A 51 -17.15 -18.84 -15.66
CA LYS A 51 -18.29 -19.74 -15.53
C LYS A 51 -17.85 -21.13 -15.11
N GLN A 52 -16.63 -21.55 -15.45
CA GLN A 52 -16.14 -22.83 -14.97
C GLN A 52 -15.89 -22.80 -13.47
N MET A 53 -15.44 -21.65 -12.94
CA MET A 53 -15.22 -21.58 -11.50
C MET A 53 -16.54 -21.52 -10.73
N LYS A 54 -17.51 -20.74 -11.20
CA LYS A 54 -18.78 -20.59 -10.48
C LYS A 54 -19.79 -21.65 -10.90
N ILE A 55 -19.44 -22.91 -10.64
CA ILE A 55 -20.34 -24.02 -10.94
C ILE A 55 -21.10 -24.42 -9.68
N ILE A 56 -20.37 -24.84 -8.65
CA ILE A 56 -20.98 -25.24 -7.39
C ILE A 56 -20.53 -24.39 -6.20
N HIS A 57 -19.53 -23.54 -6.37
CA HIS A 57 -19.04 -22.66 -5.31
C HIS A 57 -19.06 -21.23 -5.84
N GLU A 58 -19.94 -20.40 -5.28
CA GLU A 58 -20.10 -19.03 -5.72
C GLU A 58 -20.80 -18.23 -4.63
N ALA A 59 -20.41 -16.96 -4.51
CA ALA A 59 -20.99 -16.04 -3.54
C ALA A 59 -20.92 -16.59 -2.13
N GLY A 60 -19.80 -17.22 -1.80
CA GLY A 60 -19.59 -17.79 -0.49
C GLY A 60 -18.12 -17.88 -0.12
N THR A 177 -32.30 -2.70 -4.52
CA THR A 177 -32.27 -2.85 -5.97
C THR A 177 -30.96 -2.32 -6.54
N ARG A 178 -29.96 -3.20 -6.66
CA ARG A 178 -28.67 -2.80 -7.17
C ARG A 178 -28.76 -2.49 -8.67
N VAL A 179 -27.72 -1.83 -9.18
CA VAL A 179 -27.65 -1.41 -10.58
C VAL A 179 -26.53 -2.17 -11.26
N LYS A 180 -26.83 -2.73 -12.44
CA LYS A 180 -25.81 -3.41 -13.22
C LYS A 180 -24.72 -2.42 -13.63
N THR A 181 -23.47 -2.88 -13.61
CA THR A 181 -22.33 -1.97 -13.67
C THR A 181 -21.62 -1.95 -15.03
N THR A 182 -21.37 -3.10 -15.65
CA THR A 182 -20.48 -3.21 -16.81
C THR A 182 -19.15 -2.52 -16.53
N GLY A 183 -18.69 -2.55 -15.29
CA GLY A 183 -17.42 -1.96 -14.92
C GLY A 183 -16.41 -3.03 -14.54
N ILE A 184 -16.24 -3.25 -13.25
CA ILE A 184 -15.44 -4.35 -12.73
C ILE A 184 -16.39 -5.41 -12.19
N VAL A 185 -16.15 -6.66 -12.56
CA VAL A 185 -16.96 -7.78 -12.10
C VAL A 185 -16.23 -8.47 -10.95
N GLU A 186 -16.94 -8.70 -9.86
CA GLU A 186 -16.37 -9.32 -8.66
C GLU A 186 -16.96 -10.71 -8.49
N THR A 187 -16.08 -11.71 -8.40
CA THR A 187 -16.48 -13.11 -8.26
C THR A 187 -15.86 -13.66 -6.99
N HIS A 188 -16.70 -13.98 -6.01
CA HIS A 188 -16.26 -14.57 -4.75
C HIS A 188 -16.57 -16.05 -4.79
N PHE A 189 -15.54 -16.88 -4.62
CA PHE A 189 -15.75 -18.32 -4.49
C PHE A 189 -14.85 -18.89 -3.41
N THR A 190 -15.07 -20.16 -3.09
CA THR A 190 -14.33 -20.84 -2.02
C THR A 190 -13.86 -22.18 -2.53
N PHE A 191 -12.57 -22.47 -2.35
CA PHE A 191 -11.98 -23.75 -2.72
C PHE A 191 -11.10 -24.22 -1.58
N LYS A 192 -11.41 -25.40 -1.04
CA LYS A 192 -10.60 -26.03 0.00
C LYS A 192 -10.30 -25.07 1.15
N ASP A 193 -11.37 -24.45 1.66
CA ASP A 193 -11.35 -23.52 2.79
C ASP A 193 -10.63 -22.22 2.49
N LEU A 194 -10.26 -21.96 1.24
CA LEU A 194 -9.62 -20.70 0.87
C LEU A 194 -10.60 -19.85 0.06
N HIS A 195 -10.77 -18.60 0.46
CA HIS A 195 -11.72 -17.69 -0.19
C HIS A 195 -10.98 -16.85 -1.22
N PHE A 196 -11.47 -16.91 -2.47
CA PHE A 196 -10.87 -16.15 -3.56
C PHE A 196 -11.83 -15.06 -4.03
N LYS A 197 -11.31 -13.84 -4.10
CA LYS A 197 -11.93 -12.71 -4.80
C LYS A 197 -11.24 -12.60 -6.15
N MET A 198 -12.01 -12.68 -7.22
CA MET A 198 -11.48 -12.58 -8.57
C MET A 198 -12.14 -11.40 -9.29
N PHE A 199 -11.30 -10.51 -9.83
CA PHE A 199 -11.75 -9.22 -10.34
C PHE A 199 -11.56 -9.20 -11.86
N ASP A 200 -12.67 -9.29 -12.59
CA ASP A 200 -12.67 -9.24 -14.05
C ASP A 200 -12.88 -7.80 -14.47
N VAL A 201 -11.79 -7.12 -14.85
CA VAL A 201 -11.88 -5.78 -15.43
C VAL A 201 -11.96 -5.91 -16.94
N GLY A 202 -13.16 -6.12 -17.46
CA GLY A 202 -13.35 -6.27 -18.89
C GLY A 202 -14.22 -5.18 -19.48
N GLY A 203 -15.03 -4.54 -18.65
CA GLY A 203 -15.87 -3.46 -19.09
C GLY A 203 -15.19 -2.11 -18.95
N GLN A 204 -13.90 -2.13 -18.63
CA GLN A 204 -13.12 -0.91 -18.44
C GLN A 204 -12.42 -0.56 -19.75
N ARG A 205 -13.17 0.12 -20.62
CA ARG A 205 -12.65 0.59 -21.90
C ARG A 205 -12.05 1.97 -21.68
N SER A 206 -10.84 2.00 -21.12
CA SER A 206 -10.16 3.25 -20.83
C SER A 206 -8.66 2.98 -20.76
N GLU A 207 -7.90 3.96 -20.28
CA GLU A 207 -6.46 3.82 -20.13
C GLU A 207 -6.18 2.97 -18.89
N ARG A 208 -5.60 1.80 -19.11
CA ARG A 208 -5.31 0.89 -18.00
C ARG A 208 -4.30 1.50 -17.04
N LYS A 209 -3.43 2.39 -17.54
CA LYS A 209 -2.41 3.00 -16.69
C LYS A 209 -3.00 3.86 -15.59
N LYS A 210 -4.25 4.31 -15.75
CA LYS A 210 -4.87 5.22 -14.78
C LYS A 210 -5.56 4.49 -13.63
N TRP A 211 -5.72 3.17 -13.71
CA TRP A 211 -6.34 2.45 -12.60
C TRP A 211 -5.68 1.11 -12.30
N ILE A 212 -4.58 0.74 -12.97
CA ILE A 212 -3.99 -0.56 -12.73
C ILE A 212 -3.26 -0.59 -11.39
N HIS A 213 -2.90 0.57 -10.85
CA HIS A 213 -2.26 0.61 -9.54
C HIS A 213 -3.23 0.28 -8.42
N CYS A 214 -4.54 0.27 -8.70
CA CYS A 214 -5.52 -0.10 -7.69
C CYS A 214 -5.42 -1.57 -7.34
N PHE A 215 -4.80 -2.38 -8.21
CA PHE A 215 -4.71 -3.81 -8.03
C PHE A 215 -3.33 -4.28 -7.58
N GLU A 216 -2.45 -3.38 -7.15
CA GLU A 216 -1.19 -3.82 -6.56
C GLU A 216 -1.49 -4.46 -5.22
N GLY A 217 -0.87 -5.61 -4.95
CA GLY A 217 -1.16 -6.37 -3.75
C GLY A 217 -2.04 -7.58 -3.98
N VAL A 218 -2.56 -7.80 -5.18
CA VAL A 218 -3.29 -9.02 -5.46
C VAL A 218 -2.33 -10.20 -5.41
N THR A 219 -2.84 -11.35 -5.00
CA THR A 219 -1.98 -12.53 -4.90
C THR A 219 -1.45 -12.94 -6.26
N ALA A 220 -2.29 -12.89 -7.30
CA ALA A 220 -1.85 -13.32 -8.62
C ALA A 220 -2.72 -12.65 -9.68
N ILE A 221 -2.20 -12.65 -10.90
CA ILE A 221 -2.91 -12.15 -12.07
C ILE A 221 -3.23 -13.35 -12.94
N ILE A 222 -4.51 -13.66 -13.07
CA ILE A 222 -4.96 -14.74 -13.94
C ILE A 222 -5.10 -14.21 -15.36
N PHE A 223 -4.13 -14.52 -16.21
CA PHE A 223 -4.14 -14.05 -17.59
C PHE A 223 -4.69 -15.14 -18.50
N CYS A 224 -5.87 -14.92 -19.06
CA CYS A 224 -6.51 -15.87 -19.95
C CYS A 224 -6.25 -15.46 -21.40
N VAL A 225 -5.64 -16.35 -22.17
CA VAL A 225 -5.38 -16.11 -23.58
C VAL A 225 -5.90 -17.29 -24.39
N ALA A 226 -6.60 -17.00 -25.48
CA ALA A 226 -7.13 -18.04 -26.33
C ALA A 226 -6.07 -18.51 -27.31
N LEU A 227 -5.86 -19.82 -27.40
CA LEU A 227 -4.89 -20.36 -28.32
C LEU A 227 -5.37 -20.32 -29.76
N SER A 228 -6.68 -20.27 -29.99
CA SER A 228 -7.25 -20.40 -31.32
C SER A 228 -7.33 -19.08 -32.06
N ASP A 229 -6.89 -17.97 -31.47
CA ASP A 229 -6.94 -16.68 -32.15
C ASP A 229 -5.65 -16.32 -32.85
N TYR A 230 -4.68 -17.24 -32.91
CA TYR A 230 -3.44 -16.97 -33.63
C TYR A 230 -3.72 -16.77 -35.12
N ASP A 231 -4.63 -17.55 -35.69
CA ASP A 231 -5.01 -17.35 -37.07
C ASP A 231 -5.88 -16.12 -37.23
N LEU A 232 -6.72 -15.81 -36.25
CA LEU A 232 -7.64 -14.70 -36.33
C LEU A 232 -6.91 -13.37 -36.25
N VAL A 233 -7.58 -12.31 -36.71
CA VAL A 233 -7.03 -10.96 -36.72
C VAL A 233 -8.02 -10.02 -36.06
N LEU A 234 -7.49 -8.91 -35.54
CA LEU A 234 -8.34 -7.93 -34.88
C LEU A 234 -9.19 -7.17 -35.88
N ALA A 235 -10.35 -6.71 -35.42
CA ALA A 235 -11.26 -5.98 -36.29
C ALA A 235 -10.76 -4.57 -36.58
N GLU A 236 -9.89 -4.03 -35.72
CA GLU A 236 -9.39 -2.67 -35.92
C GLU A 236 -8.59 -2.56 -37.21
N ASP A 237 -7.72 -3.53 -37.47
CA ASP A 237 -6.93 -3.53 -38.70
C ASP A 237 -6.58 -4.96 -39.06
N GLU A 238 -6.46 -5.22 -40.36
CA GLU A 238 -6.18 -6.57 -40.84
C GLU A 238 -4.78 -7.04 -40.42
N GLU A 239 -3.80 -6.15 -40.48
CA GLU A 239 -2.41 -6.50 -40.19
C GLU A 239 -2.09 -6.43 -38.71
N MET A 240 -2.88 -7.13 -37.88
CA MET A 240 -2.63 -7.15 -36.44
C MET A 240 -3.25 -8.44 -35.88
N ASN A 241 -2.41 -9.43 -35.62
CA ASN A 241 -2.88 -10.69 -35.06
C ASN A 241 -3.44 -10.49 -33.66
N ARG A 242 -4.50 -11.22 -33.35
CA ARG A 242 -5.05 -11.19 -31.99
C ARG A 242 -4.07 -11.81 -31.01
N MET A 243 -3.33 -12.84 -31.45
CA MET A 243 -2.30 -13.43 -30.60
C MET A 243 -1.20 -12.42 -30.27
N HIS A 244 -0.80 -11.60 -31.26
CA HIS A 244 0.21 -10.59 -30.99
C HIS A 244 -0.31 -9.53 -30.03
N GLU A 245 -1.59 -9.17 -30.14
CA GLU A 245 -2.17 -8.24 -29.17
C GLU A 245 -2.19 -8.84 -27.77
N SER A 246 -2.52 -10.13 -27.66
CA SER A 246 -2.49 -10.79 -26.36
C SER A 246 -1.08 -10.80 -25.78
N MET A 247 -0.08 -11.09 -26.62
CA MET A 247 1.31 -11.06 -26.16
C MET A 247 1.72 -9.66 -25.73
N LYS A 248 1.29 -8.64 -26.48
CA LYS A 248 1.62 -7.27 -26.12
C LYS A 248 1.02 -6.90 -24.77
N LEU A 249 -0.24 -7.29 -24.53
CA LEU A 249 -0.87 -6.94 -23.27
C LEU A 249 -0.26 -7.74 -22.12
N PHE A 250 0.14 -8.98 -22.39
CA PHE A 250 0.85 -9.79 -21.40
C PHE A 250 2.19 -9.15 -21.04
N ASP A 251 2.91 -8.66 -22.04
CA ASP A 251 4.18 -7.98 -21.79
C ASP A 251 3.96 -6.71 -20.98
N SER A 252 2.90 -5.97 -21.29
CA SER A 252 2.60 -4.74 -20.57
C SER A 252 2.27 -5.02 -19.11
N ILE A 253 1.48 -6.06 -18.85
CA ILE A 253 1.01 -6.28 -17.49
C ILE A 253 2.00 -7.09 -16.67
N CYS A 254 2.89 -7.85 -17.33
CA CYS A 254 3.85 -8.67 -16.60
C CYS A 254 5.01 -7.85 -16.09
N ASN A 255 5.25 -6.67 -16.66
CA ASN A 255 6.41 -5.86 -16.35
C ASN A 255 6.03 -4.46 -15.90
N ASN A 256 4.87 -4.32 -15.24
CA ASN A 256 4.52 -3.05 -14.64
C ASN A 256 5.37 -2.80 -13.40
N LYS A 257 5.50 -1.52 -13.04
CA LYS A 257 6.19 -1.19 -11.80
C LYS A 257 5.40 -1.63 -10.57
N TRP A 258 4.09 -1.86 -10.73
CA TRP A 258 3.27 -2.31 -9.61
C TRP A 258 3.30 -3.82 -9.42
N PHE A 259 3.39 -4.57 -10.51
CA PHE A 259 3.33 -6.03 -10.48
C PHE A 259 4.70 -6.68 -10.56
N THR A 260 5.71 -6.07 -9.92
CA THR A 260 7.05 -6.66 -9.94
C THR A 260 7.07 -8.01 -9.23
N ASP A 261 6.40 -8.11 -8.09
CA ASP A 261 6.40 -9.32 -7.29
C ASP A 261 5.12 -10.15 -7.44
N THR A 262 4.16 -9.70 -8.24
CA THR A 262 2.91 -10.43 -8.41
C THR A 262 3.06 -11.49 -9.49
N SER A 263 2.71 -12.72 -9.16
CA SER A 263 2.85 -13.84 -10.08
C SER A 263 1.72 -13.86 -11.09
N ILE A 264 1.96 -14.55 -12.21
CA ILE A 264 0.99 -14.65 -13.30
C ILE A 264 0.57 -16.10 -13.42
N ILE A 265 -0.74 -16.34 -13.46
CA ILE A 265 -1.31 -17.65 -13.71
C ILE A 265 -1.85 -17.61 -15.13
N LEU A 266 -1.18 -18.30 -16.05
CA LEU A 266 -1.53 -18.22 -17.46
C LEU A 266 -2.48 -19.35 -17.82
N PHE A 267 -3.58 -19.00 -18.51
CA PHE A 267 -4.60 -19.95 -18.91
C PHE A 267 -4.71 -19.92 -20.43
N LEU A 268 -4.19 -20.97 -21.07
CA LEU A 268 -4.22 -21.08 -22.53
C LEU A 268 -5.49 -21.83 -22.91
N ASN A 269 -6.55 -21.06 -23.17
CA ASN A 269 -7.87 -21.62 -23.41
C ASN A 269 -8.01 -22.12 -24.85
N LYS A 270 -9.10 -22.83 -25.09
CA LYS A 270 -9.49 -23.30 -26.42
C LYS A 270 -8.40 -24.14 -27.06
N LYS A 271 -8.06 -25.24 -26.39
CA LYS A 271 -7.05 -26.15 -26.91
C LYS A 271 -7.60 -26.99 -28.06
N ASP A 272 -8.88 -27.35 -28.00
CA ASP A 272 -9.46 -28.18 -29.07
C ASP A 272 -9.57 -27.39 -30.37
N LEU A 273 -10.08 -26.16 -30.30
CA LEU A 273 -10.18 -25.33 -31.49
C LEU A 273 -8.79 -25.03 -32.05
N PHE A 274 -7.81 -24.79 -31.17
CA PHE A 274 -6.44 -24.57 -31.62
C PHE A 274 -5.89 -25.81 -32.31
N GLU A 275 -6.19 -27.00 -31.77
CA GLU A 275 -5.73 -28.23 -32.40
C GLU A 275 -6.33 -28.40 -33.79
N GLU A 276 -7.63 -28.15 -33.92
CA GLU A 276 -8.25 -28.25 -35.23
C GLU A 276 -7.65 -27.23 -36.21
N LYS A 277 -7.43 -26.01 -35.73
CA LYS A 277 -6.88 -24.98 -36.62
C LYS A 277 -5.48 -25.34 -37.08
N ILE A 278 -4.62 -25.81 -36.18
CA ILE A 278 -3.27 -26.17 -36.60
C ILE A 278 -3.30 -27.40 -37.48
N LYS A 279 -4.28 -28.29 -37.30
CA LYS A 279 -4.43 -29.40 -38.22
C LYS A 279 -4.77 -28.91 -39.63
N LYS A 280 -5.62 -27.89 -39.73
CA LYS A 280 -5.97 -27.33 -41.03
C LYS A 280 -4.97 -26.26 -41.48
N SER A 281 -4.86 -25.16 -40.69
CA SER A 281 -4.01 -24.01 -40.97
C SER A 281 -2.64 -24.19 -40.32
N PRO A 282 -1.58 -23.62 -40.90
CA PRO A 282 -0.26 -23.70 -40.26
C PRO A 282 -0.04 -22.57 -39.27
N LEU A 283 0.87 -22.83 -38.32
CA LEU A 283 1.21 -21.85 -37.30
C LEU A 283 2.21 -20.80 -37.80
N THR A 284 2.84 -21.04 -38.94
CA THR A 284 3.86 -20.12 -39.43
C THR A 284 3.29 -18.75 -39.74
N ILE A 285 1.97 -18.64 -39.95
CA ILE A 285 1.37 -17.35 -40.24
C ILE A 285 1.44 -16.44 -39.01
N CYS A 286 1.22 -17.00 -37.82
CA CYS A 286 1.31 -16.20 -36.61
C CYS A 286 2.76 -15.95 -36.21
N TYR A 287 3.63 -16.93 -36.45
CA TYR A 287 5.04 -16.85 -36.07
C TYR A 287 5.90 -17.14 -37.29
N PRO A 288 6.30 -16.10 -38.03
CA PRO A 288 7.15 -16.34 -39.20
C PRO A 288 8.46 -17.04 -38.86
N GLU A 289 9.02 -16.77 -37.69
CA GLU A 289 10.29 -17.39 -37.30
C GLU A 289 10.12 -18.85 -36.91
N TYR A 290 8.89 -19.30 -36.66
CA TYR A 290 8.66 -20.67 -36.24
C TYR A 290 8.98 -21.65 -37.36
N ALA A 291 9.50 -22.82 -36.97
CA ALA A 291 9.82 -23.87 -37.93
C ALA A 291 9.73 -25.20 -37.18
N GLY A 292 8.69 -25.96 -37.46
CA GLY A 292 8.50 -27.25 -36.80
C GLY A 292 7.28 -27.94 -37.34
N SER A 293 7.09 -29.18 -36.87
CA SER A 293 5.94 -29.97 -37.28
C SER A 293 4.65 -29.37 -36.73
N ASN A 294 3.59 -29.44 -37.52
CA ASN A 294 2.28 -28.95 -37.11
C ASN A 294 1.60 -30.05 -36.29
N THR A 295 1.69 -29.92 -34.97
CA THR A 295 1.04 -30.84 -34.05
C THR A 295 0.70 -30.08 -32.78
N TYR A 296 -0.22 -30.64 -32.00
CA TYR A 296 -0.67 -29.93 -30.80
C TYR A 296 0.45 -29.75 -29.80
N GLU A 297 1.24 -30.79 -29.57
CA GLU A 297 2.25 -30.75 -28.51
C GLU A 297 3.29 -29.67 -28.79
N GLU A 298 3.89 -29.71 -29.98
CA GLU A 298 4.97 -28.78 -30.30
C GLU A 298 4.47 -27.34 -30.36
N ALA A 299 3.32 -27.12 -31.03
CA ALA A 299 2.79 -25.76 -31.15
C ALA A 299 2.38 -25.21 -29.79
N ALA A 300 1.74 -26.02 -28.96
CA ALA A 300 1.34 -25.57 -27.63
C ALA A 300 2.56 -25.22 -26.79
N ALA A 301 3.60 -26.07 -26.83
CA ALA A 301 4.82 -25.78 -26.11
C ALA A 301 5.47 -24.50 -26.62
N TYR A 302 5.44 -24.28 -27.93
CA TYR A 302 6.00 -23.06 -28.50
C TYR A 302 5.26 -21.83 -28.00
N ILE A 303 3.93 -21.89 -27.99
CA ILE A 303 3.15 -20.75 -27.50
C ILE A 303 3.44 -20.50 -26.03
N GLN A 304 3.53 -21.57 -25.23
CA GLN A 304 3.82 -21.42 -23.82
C GLN A 304 5.18 -20.78 -23.60
N CYS A 305 6.20 -21.23 -24.34
CA CYS A 305 7.53 -20.66 -24.15
C CYS A 305 7.59 -19.22 -24.65
N GLN A 306 6.81 -18.90 -25.69
CA GLN A 306 6.77 -17.52 -26.17
C GLN A 306 6.16 -16.59 -25.13
N PHE A 307 5.07 -17.04 -24.48
CA PHE A 307 4.50 -16.21 -23.41
C PHE A 307 5.39 -16.15 -22.17
N GLU A 308 6.07 -17.23 -21.82
CA GLU A 308 6.95 -17.20 -20.66
C GLU A 308 8.27 -16.49 -20.93
N ASP A 309 8.61 -16.23 -22.19
CA ASP A 309 9.81 -15.47 -22.51
C ASP A 309 9.59 -13.97 -22.39
N LEU A 310 8.33 -13.51 -22.35
CA LEU A 310 8.06 -12.10 -22.15
C LEU A 310 8.30 -11.65 -20.72
N ASN A 311 8.52 -12.58 -19.80
CA ASN A 311 8.80 -12.25 -18.41
C ASN A 311 10.24 -11.82 -18.26
N LYS A 312 10.46 -10.58 -17.84
CA LYS A 312 11.81 -10.09 -17.58
C LYS A 312 12.18 -10.19 -16.12
N ARG A 313 11.21 -10.21 -15.22
CA ARG A 313 11.46 -10.31 -13.79
C ARG A 313 11.49 -11.78 -13.35
N LYS A 314 12.42 -12.53 -13.98
CA LYS A 314 12.46 -13.97 -13.80
C LYS A 314 12.72 -14.35 -12.34
N ASP A 315 13.62 -13.64 -11.68
CA ASP A 315 14.02 -14.03 -10.33
C ASP A 315 12.89 -13.84 -9.33
N THR A 316 12.12 -12.77 -9.47
CA THR A 316 11.18 -12.38 -8.42
C THR A 316 9.75 -12.84 -8.65
N LYS A 317 9.39 -13.23 -9.88
CA LYS A 317 8.04 -13.68 -10.16
C LYS A 317 8.06 -14.89 -11.06
N GLU A 318 7.01 -15.70 -10.98
CA GLU A 318 6.90 -16.93 -11.73
C GLU A 318 5.57 -16.95 -12.48
N ILE A 319 5.59 -17.56 -13.66
CA ILE A 319 4.39 -17.70 -14.49
C ILE A 319 3.96 -19.16 -14.43
N TYR A 320 2.73 -19.39 -14.00
CA TYR A 320 2.13 -20.72 -13.94
C TYR A 320 1.20 -20.85 -15.15
N THR A 321 1.50 -21.81 -16.02
CA THR A 321 0.71 -22.02 -17.23
C THR A 321 -0.16 -23.25 -17.09
N HIS A 322 -1.34 -23.21 -17.72
CA HIS A 322 -2.26 -24.33 -17.70
C HIS A 322 -3.12 -24.28 -18.95
N PHE A 323 -3.15 -25.39 -19.68
CA PHE A 323 -4.05 -25.52 -20.83
C PHE A 323 -5.42 -25.89 -20.31
N THR A 324 -6.38 -24.98 -20.45
CA THR A 324 -7.70 -25.15 -19.83
C THR A 324 -8.41 -26.36 -20.43
N CYS A 325 -8.83 -27.27 -19.56
CA CYS A 325 -9.52 -28.49 -19.95
C CYS A 325 -11.01 -28.37 -19.60
N ALA A 326 -11.77 -29.42 -19.92
CA ALA A 326 -13.21 -29.41 -19.69
C ALA A 326 -13.61 -29.97 -18.33
N THR A 327 -12.66 -30.52 -17.57
CA THR A 327 -12.97 -31.02 -16.24
C THR A 327 -13.35 -29.86 -15.32
N ASP A 328 -14.32 -30.10 -14.45
CA ASP A 328 -14.89 -29.03 -13.64
C ASP A 328 -13.91 -28.44 -12.64
N THR A 329 -13.05 -29.27 -12.05
CA THR A 329 -12.24 -28.83 -10.92
C THR A 329 -10.74 -28.72 -11.21
N LYS A 330 -10.28 -29.19 -12.37
CA LYS A 330 -8.85 -29.14 -12.66
C LYS A 330 -8.33 -27.72 -12.74
N ASN A 331 -9.08 -26.82 -13.38
CA ASN A 331 -8.65 -25.43 -13.48
C ASN A 331 -8.65 -24.74 -12.12
N VAL A 332 -9.70 -24.92 -11.33
CA VAL A 332 -9.74 -24.32 -10.01
C VAL A 332 -8.67 -24.95 -9.11
N GLN A 333 -8.42 -26.25 -9.27
CA GLN A 333 -7.33 -26.88 -8.54
C GLN A 333 -5.98 -26.28 -8.92
N PHE A 334 -5.77 -26.00 -10.21
CA PHE A 334 -4.52 -25.37 -10.63
C PHE A 334 -4.39 -23.97 -10.04
N VAL A 335 -5.49 -23.21 -10.03
CA VAL A 335 -5.45 -21.87 -9.44
C VAL A 335 -5.11 -21.96 -7.96
N PHE A 336 -5.73 -22.92 -7.26
CA PHE A 336 -5.47 -23.09 -5.83
C PHE A 336 -4.01 -23.49 -5.59
N ASP A 337 -3.50 -24.41 -6.40
CA ASP A 337 -2.11 -24.84 -6.25
C ASP A 337 -1.14 -23.68 -6.49
N ALA A 338 -1.40 -22.89 -7.53
CA ALA A 338 -0.54 -21.74 -7.82
C ALA A 338 -0.60 -20.72 -6.69
N VAL A 339 -1.79 -20.47 -6.16
CA VAL A 339 -1.93 -19.47 -5.09
C VAL A 339 -1.24 -19.94 -3.82
N THR A 340 -1.40 -21.21 -3.45
CA THR A 340 -0.71 -21.72 -2.27
C THR A 340 0.80 -21.73 -2.47
N ASP A 341 1.25 -22.03 -3.69
CA ASP A 341 2.68 -21.96 -3.99
C ASP A 341 3.19 -20.54 -3.84
N VAL A 342 2.42 -19.56 -4.31
CA VAL A 342 2.82 -18.16 -4.17
C VAL A 342 2.90 -17.78 -2.70
N ILE A 343 1.91 -18.20 -1.90
CA ILE A 343 1.91 -17.87 -0.49
C ILE A 343 3.10 -18.50 0.23
N ILE A 344 3.37 -19.77 -0.05
CA ILE A 344 4.47 -20.46 0.59
C ILE A 344 5.80 -19.84 0.21
N LYS A 345 5.96 -19.47 -1.08
CA LYS A 345 7.21 -18.85 -1.51
C LYS A 345 7.38 -17.45 -0.93
N ASN A 346 6.29 -16.70 -0.78
CA ASN A 346 6.38 -15.41 -0.11
C ASN A 346 6.79 -15.58 1.34
N ASN A 347 6.24 -16.58 2.03
CA ASN A 347 6.65 -16.84 3.41
C ASN A 347 8.12 -17.23 3.48
N LEU A 348 8.58 -18.06 2.56
CA LEU A 348 9.98 -18.46 2.54
C LEU A 348 10.89 -17.26 2.30
N LYS A 349 10.47 -16.36 1.40
CA LYS A 349 11.22 -15.12 1.19
C LYS A 349 11.26 -14.28 2.46
N ASP A 350 10.14 -14.23 3.18
CA ASP A 350 10.08 -13.46 4.46
C ASP A 350 11.10 -14.03 5.45
N CYS A 351 11.31 -15.35 5.41
CA CYS A 351 12.27 -16.00 6.35
C CYS A 351 13.69 -15.97 5.77
N GLY A 352 13.84 -15.60 4.50
CA GLY A 352 15.16 -15.57 3.85
C GLY A 352 15.59 -16.95 3.36
N LEU A 353 14.63 -17.87 3.18
CA LEU A 353 14.95 -19.23 2.70
C LEU A 353 14.61 -19.34 1.21
N PHE A 354 14.31 -18.22 0.55
CA PHE A 354 13.95 -18.22 -0.89
C PHE A 354 14.50 -16.95 -1.55
N ASP B 23 -11.61 14.53 -44.58
CA ASP B 23 -12.04 15.43 -45.63
C ASP B 23 -11.16 16.68 -45.66
N GLN B 24 -11.71 17.78 -46.19
CA GLN B 24 -10.97 19.03 -46.27
C GLN B 24 -11.13 19.89 -45.01
N LEU B 25 -11.92 19.43 -44.03
CA LEU B 25 -12.13 20.21 -42.83
C LEU B 25 -10.87 20.33 -41.99
N ARG B 26 -9.97 19.35 -42.08
CA ARG B 26 -8.70 19.44 -41.36
C ARG B 26 -7.84 20.60 -41.87
N GLN B 27 -8.06 21.06 -43.10
CA GLN B 27 -7.33 22.21 -43.60
C GLN B 27 -7.67 23.47 -42.82
N GLU B 28 -8.95 23.68 -42.51
CA GLU B 28 -9.35 24.84 -41.73
C GLU B 28 -9.28 24.62 -40.23
N ALA B 29 -9.23 23.36 -39.77
CA ALA B 29 -9.05 23.11 -38.35
C ALA B 29 -7.71 23.64 -37.86
N GLU B 30 -6.63 23.35 -38.61
CA GLU B 30 -5.33 23.89 -38.24
C GLU B 30 -5.28 25.40 -38.41
N GLN B 31 -6.03 25.95 -39.36
CA GLN B 31 -6.11 27.40 -39.51
C GLN B 31 -6.75 28.02 -38.27
N LEU B 32 -7.83 27.42 -37.77
CA LEU B 32 -8.46 27.92 -36.55
C LEU B 32 -7.54 27.78 -35.35
N LYS B 33 -6.79 26.67 -35.27
CA LYS B 33 -5.82 26.51 -34.19
C LYS B 33 -4.76 27.61 -34.25
N ASN B 34 -4.24 27.90 -35.44
CA ASN B 34 -3.25 28.96 -35.58
C ASN B 34 -3.82 30.32 -35.25
N GLN B 35 -5.08 30.56 -35.64
CA GLN B 35 -5.73 31.83 -35.30
C GLN B 35 -5.88 31.99 -33.79
N ILE B 36 -6.28 30.92 -33.12
CA ILE B 36 -6.41 30.96 -31.65
C ILE B 36 -5.06 31.22 -31.01
N ARG B 37 -4.02 30.53 -31.48
CA ARG B 37 -2.69 30.72 -30.92
C ARG B 37 -2.20 32.15 -31.15
N ASP B 38 -2.45 32.71 -32.34
CA ASP B 38 -2.04 34.08 -32.61
C ASP B 38 -2.78 35.08 -31.74
N ALA B 39 -4.08 34.86 -31.54
CA ALA B 39 -4.85 35.75 -30.66
C ALA B 39 -4.32 35.68 -29.23
N ARG B 40 -4.03 34.48 -28.75
CA ARG B 40 -3.49 34.33 -27.40
C ARG B 40 -2.13 34.99 -27.27
N LYS B 41 -1.28 34.86 -28.29
CA LYS B 41 0.02 35.52 -28.26
C LYS B 41 -0.14 37.04 -28.27
N ALA B 42 -1.11 37.54 -29.04
CA ALA B 42 -1.36 38.98 -29.06
C ALA B 42 -1.81 39.47 -27.69
N CYS B 43 -2.67 38.71 -27.02
CA CYS B 43 -3.10 39.09 -25.67
C CYS B 43 -1.99 38.92 -24.65
N ALA B 44 -0.93 38.19 -24.97
CA ALA B 44 0.16 37.93 -24.03
C ALA B 44 1.23 39.00 -24.22
N ASP B 45 1.20 40.01 -23.35
CA ASP B 45 2.19 41.08 -23.37
C ASP B 45 3.12 41.08 -22.17
N ALA B 46 2.59 40.79 -20.97
CA ALA B 46 3.40 40.74 -19.76
C ALA B 46 3.07 39.46 -19.00
N THR B 47 4.11 38.69 -18.69
CA THR B 47 3.91 37.44 -17.95
C THR B 47 3.50 37.73 -16.52
N LEU B 48 2.83 36.75 -15.90
CA LEU B 48 2.40 36.92 -14.52
C LEU B 48 3.60 37.04 -13.58
N SER B 49 4.71 36.39 -13.93
CA SER B 49 5.92 36.52 -13.11
C SER B 49 6.45 37.94 -13.14
N GLN B 50 6.39 38.60 -14.31
CA GLN B 50 6.86 39.98 -14.40
C GLN B 50 5.98 40.92 -13.58
N ILE B 51 4.66 40.68 -13.58
CA ILE B 51 3.75 41.53 -12.81
C ILE B 51 4.02 41.38 -11.32
N THR B 52 4.24 40.16 -10.85
CA THR B 52 4.46 39.89 -9.43
C THR B 52 5.93 39.86 -9.05
N ASN B 53 6.80 40.43 -9.88
CA ASN B 53 8.22 40.46 -9.55
C ASN B 53 8.49 41.34 -8.35
N ASN B 54 7.82 42.49 -8.26
CA ASN B 54 8.05 43.42 -7.16
C ASN B 54 7.38 42.97 -5.86
N ILE B 55 6.48 41.99 -5.92
CA ILE B 55 5.81 41.51 -4.72
C ILE B 55 6.80 40.74 -3.87
N ASP B 56 6.86 41.07 -2.59
CA ASP B 56 7.77 40.38 -1.69
C ASP B 56 7.34 38.93 -1.51
N PRO B 57 8.28 38.01 -1.33
CA PRO B 57 7.91 36.60 -1.24
C PRO B 57 7.11 36.31 0.03
N VAL B 58 6.29 35.27 -0.05
CA VAL B 58 5.52 34.83 1.12
C VAL B 58 6.44 34.37 2.23
N GLY B 59 7.58 33.77 1.87
CA GLY B 59 8.48 33.22 2.86
C GLY B 59 8.19 31.76 3.14
N ARG B 60 8.97 31.20 4.06
CA ARG B 60 8.82 29.80 4.40
C ARG B 60 7.48 29.54 5.07
N ILE B 61 6.79 28.51 4.61
CA ILE B 61 5.52 28.08 5.18
C ILE B 61 5.78 26.79 5.95
N GLN B 62 5.65 26.83 7.27
CA GLN B 62 5.93 25.70 8.13
C GLN B 62 4.63 25.21 8.72
N MET B 63 4.21 24.01 8.31
CA MET B 63 2.96 23.40 8.77
C MET B 63 3.29 22.11 9.49
N ARG B 64 2.68 21.90 10.65
CA ARG B 64 2.88 20.69 11.44
C ARG B 64 1.60 19.88 11.49
N THR B 65 1.72 18.57 11.36
CA THR B 65 0.57 17.69 11.40
C THR B 65 -0.16 17.84 12.73
N ARG B 66 -1.39 18.37 12.67
CA ARG B 66 -2.17 18.59 13.88
C ARG B 66 -3.00 17.36 14.25
N ARG B 67 -3.63 16.72 13.28
CA ARG B 67 -4.42 15.52 13.52
C ARG B 67 -4.00 14.44 12.53
N THR B 68 -3.83 13.22 13.03
CA THR B 68 -3.55 12.07 12.19
C THR B 68 -4.78 11.16 12.25
N LEU B 69 -5.64 11.26 11.25
CA LEU B 69 -6.85 10.46 11.18
C LEU B 69 -6.47 9.05 10.71
N ARG B 70 -6.75 8.07 11.55
CA ARG B 70 -6.42 6.67 11.31
C ARG B 70 -7.70 5.84 11.33
N GLY B 71 -7.66 4.70 10.64
CA GLY B 71 -8.83 3.84 10.58
C GLY B 71 -9.02 3.19 9.24
N HIS B 72 -8.47 3.80 8.19
CA HIS B 72 -8.48 3.18 6.87
C HIS B 72 -7.44 2.07 6.82
N LEU B 73 -7.79 0.98 6.13
CA LEU B 73 -6.92 -0.19 6.05
C LEU B 73 -6.44 -0.46 4.63
N ALA B 74 -6.50 0.54 3.76
CA ALA B 74 -6.02 0.40 2.40
C ALA B 74 -5.67 1.80 1.88
N LYS B 75 -5.17 1.85 0.66
CA LYS B 75 -4.75 3.11 0.07
C LYS B 75 -5.94 4.05 -0.05
N ILE B 76 -5.78 5.27 0.46
CA ILE B 76 -6.83 6.28 0.39
C ILE B 76 -6.71 7.01 -0.95
N TYR B 77 -7.82 7.08 -1.67
CA TYR B 77 -7.80 7.62 -3.02
C TYR B 77 -8.44 9.00 -3.15
N ALA B 78 -9.36 9.35 -2.27
CA ALA B 78 -10.03 10.63 -2.36
C ALA B 78 -10.48 11.11 -0.98
N MET B 79 -10.69 12.41 -0.88
CA MET B 79 -11.29 13.02 0.30
C MET B 79 -11.96 14.32 -0.12
N HIS B 80 -12.84 14.82 0.75
CA HIS B 80 -13.49 16.10 0.48
C HIS B 80 -13.91 16.71 1.81
N TRP B 81 -13.64 18.00 1.97
CA TRP B 81 -13.99 18.71 3.19
C TRP B 81 -15.46 19.08 3.20
N GLY B 82 -15.99 19.30 4.40
CA GLY B 82 -17.33 19.82 4.54
C GLY B 82 -17.35 21.34 4.59
N THR B 83 -18.52 21.92 4.30
CA THR B 83 -18.64 23.37 4.33
C THR B 83 -18.50 23.91 5.74
N ASP B 84 -18.87 23.11 6.74
CA ASP B 84 -18.67 23.51 8.13
C ASP B 84 -17.20 23.52 8.50
N SER B 85 -16.35 22.98 7.64
CA SER B 85 -14.89 22.98 7.78
C SER B 85 -14.41 22.12 8.94
N ARG B 86 -15.26 21.27 9.49
CA ARG B 86 -14.80 20.32 10.49
C ARG B 86 -15.12 18.88 10.12
N LEU B 87 -16.24 18.64 9.44
CA LEU B 87 -16.59 17.31 8.98
C LEU B 87 -15.86 17.01 7.67
N LEU B 88 -15.37 15.78 7.56
CA LEU B 88 -14.53 15.37 6.45
C LEU B 88 -15.01 14.03 5.95
N VAL B 89 -14.78 13.74 4.67
CA VAL B 89 -15.07 12.43 4.09
C VAL B 89 -13.82 11.91 3.43
N SER B 90 -13.54 10.62 3.61
CA SER B 90 -12.40 9.97 2.98
C SER B 90 -12.81 8.61 2.41
N ALA B 91 -12.26 8.29 1.25
CA ALA B 91 -12.55 7.04 0.56
C ALA B 91 -11.26 6.29 0.30
N SER B 92 -11.30 4.97 0.48
CA SER B 92 -10.13 4.14 0.31
C SER B 92 -10.54 2.80 -0.30
N GLN B 93 -9.54 2.01 -0.67
CA GLN B 93 -9.76 0.76 -1.39
C GLN B 93 -10.24 -0.39 -0.50
N ASP B 94 -10.34 -0.18 0.82
CA ASP B 94 -10.92 -1.22 1.66
C ASP B 94 -12.44 -1.19 1.66
N GLY B 95 -13.05 -0.36 0.83
CA GLY B 95 -14.49 -0.34 0.70
C GLY B 95 -15.22 0.37 1.81
N LYS B 96 -14.60 1.38 2.41
CA LYS B 96 -15.22 2.16 3.48
C LYS B 96 -15.14 3.64 3.13
N LEU B 97 -16.25 4.34 3.33
CA LEU B 97 -16.33 5.79 3.18
C LEU B 97 -16.49 6.35 4.58
N ILE B 98 -15.47 7.00 5.10
CA ILE B 98 -15.46 7.42 6.51
C ILE B 98 -15.72 8.92 6.59
N ILE B 99 -16.72 9.28 7.38
CA ILE B 99 -16.99 10.67 7.74
C ILE B 99 -16.37 10.92 9.10
N TRP B 100 -15.36 11.79 9.14
CA TRP B 100 -14.60 12.12 10.33
C TRP B 100 -15.02 13.49 10.87
N ASP B 101 -14.84 13.66 12.18
CA ASP B 101 -14.85 14.98 12.80
C ASP B 101 -13.39 15.38 13.01
N SER B 102 -12.89 16.26 12.16
CA SER B 102 -11.46 16.57 12.15
C SER B 102 -11.02 17.24 13.46
N TYR B 103 -11.93 17.90 14.16
CA TYR B 103 -11.57 18.57 15.40
C TYR B 103 -11.17 17.56 16.47
N THR B 104 -12.00 16.55 16.70
CA THR B 104 -11.79 15.58 17.77
C THR B 104 -11.26 14.24 17.25
N THR B 105 -10.96 14.14 15.96
CA THR B 105 -10.47 12.92 15.33
C THR B 105 -11.47 11.79 15.62
N ASN B 106 -12.76 12.13 15.54
CA ASN B 106 -13.83 11.18 15.83
C ASN B 106 -14.49 10.75 14.53
N LYS B 107 -14.54 9.44 14.32
CA LYS B 107 -15.27 8.92 13.17
C LYS B 107 -16.77 9.06 13.39
N VAL B 108 -17.41 9.90 12.57
CA VAL B 108 -18.83 10.14 12.66
C VAL B 108 -19.62 9.06 11.94
N HIS B 109 -19.13 8.62 10.78
CA HIS B 109 -19.82 7.60 10.00
C HIS B 109 -18.79 6.70 9.34
N ALA B 110 -19.18 5.46 9.11
CA ALA B 110 -18.40 4.52 8.30
C ALA B 110 -19.38 3.79 7.39
N ILE B 111 -19.36 4.12 6.11
CA ILE B 111 -20.31 3.59 5.13
C ILE B 111 -19.63 2.44 4.39
N PRO B 112 -20.12 1.21 4.49
CA PRO B 112 -19.55 0.11 3.70
C PRO B 112 -20.01 0.17 2.25
N LEU B 113 -19.09 0.50 1.36
CA LEU B 113 -19.43 0.66 -0.04
C LEU B 113 -19.74 -0.68 -0.70
N ARG B 114 -20.63 -0.63 -1.69
CA ARG B 114 -20.95 -1.84 -2.45
C ARG B 114 -19.74 -2.33 -3.24
N SER B 115 -18.94 -1.40 -3.75
CA SER B 115 -17.74 -1.72 -4.52
C SER B 115 -16.52 -1.17 -3.80
N SER B 116 -15.54 -2.03 -3.56
CA SER B 116 -14.31 -1.62 -2.91
C SER B 116 -13.45 -0.73 -3.79
N TRP B 117 -13.66 -0.75 -5.11
CA TRP B 117 -12.84 -0.01 -6.06
C TRP B 117 -13.44 1.37 -6.26
N VAL B 118 -13.06 2.28 -5.38
CA VAL B 118 -13.52 3.66 -5.41
C VAL B 118 -12.32 4.57 -5.47
N MET B 119 -12.39 5.58 -6.33
CA MET B 119 -11.30 6.54 -6.50
C MET B 119 -11.78 7.98 -6.47
N THR B 120 -13.03 8.23 -6.08
CA THR B 120 -13.52 9.59 -5.90
C THR B 120 -14.55 9.60 -4.78
N CYS B 121 -14.73 10.77 -4.17
CA CYS B 121 -15.75 10.98 -3.17
C CYS B 121 -15.99 12.47 -3.03
N ALA B 122 -17.24 12.86 -2.82
CA ALA B 122 -17.62 14.24 -2.64
C ALA B 122 -18.61 14.36 -1.50
N TYR B 123 -18.54 15.48 -0.79
CA TYR B 123 -19.40 15.72 0.35
C TYR B 123 -20.28 16.93 0.03
N ALA B 124 -21.59 16.77 0.19
CA ALA B 124 -22.52 17.77 -0.31
C ALA B 124 -22.35 19.08 0.45
N PRO B 125 -22.57 20.23 -0.20
CA PRO B 125 -22.44 21.51 0.50
C PRO B 125 -23.37 21.65 1.69
N SER B 126 -24.58 21.10 1.60
CA SER B 126 -25.48 21.12 2.73
C SER B 126 -25.07 20.11 3.80
N GLY B 127 -24.23 19.15 3.44
CA GLY B 127 -23.77 18.13 4.36
C GLY B 127 -24.74 16.98 4.54
N ASN B 128 -25.89 17.01 3.87
CA ASN B 128 -26.88 15.94 4.03
C ASN B 128 -26.49 14.69 3.26
N TYR B 129 -25.79 14.84 2.14
CA TYR B 129 -25.47 13.72 1.27
C TYR B 129 -23.97 13.61 1.07
N VAL B 130 -23.52 12.43 0.67
CA VAL B 130 -22.12 12.20 0.35
C VAL B 130 -22.06 11.33 -0.91
N ALA B 131 -21.11 11.62 -1.79
CA ALA B 131 -20.98 10.88 -3.04
C ALA B 131 -19.76 9.98 -3.02
N CYS B 132 -19.81 8.94 -3.84
CA CYS B 132 -18.67 8.05 -4.00
C CYS B 132 -18.72 7.42 -5.38
N GLY B 133 -17.59 6.94 -5.85
CA GLY B 133 -17.55 6.29 -7.16
C GLY B 133 -16.15 5.81 -7.46
N GLY B 134 -16.04 4.99 -8.50
CA GLY B 134 -14.75 4.42 -8.84
C GLY B 134 -14.72 3.54 -10.07
N LEU B 135 -14.07 2.38 -9.96
CA LEU B 135 -13.95 1.49 -11.10
C LEU B 135 -15.31 0.99 -11.57
N ASP B 136 -16.21 0.70 -10.64
CA ASP B 136 -17.62 0.57 -11.00
C ASP B 136 -18.11 1.91 -11.54
N ASN B 137 -18.86 1.87 -12.62
CA ASN B 137 -19.21 3.11 -13.33
C ASN B 137 -20.43 3.80 -12.73
N ILE B 138 -20.70 3.58 -11.45
CA ILE B 138 -21.86 4.13 -10.77
C ILE B 138 -21.41 5.16 -9.74
N CYS B 139 -22.11 6.28 -9.70
CA CYS B 139 -21.94 7.28 -8.65
C CYS B 139 -22.97 7.02 -7.57
N SER B 140 -22.53 6.65 -6.38
CA SER B 140 -23.42 6.31 -5.28
C SER B 140 -23.58 7.52 -4.37
N ILE B 141 -24.81 7.95 -4.18
CA ILE B 141 -25.17 9.05 -3.30
C ILE B 141 -25.80 8.47 -2.05
N TYR B 142 -25.17 8.72 -0.90
CA TYR B 142 -25.59 8.20 0.39
C TYR B 142 -26.18 9.35 1.20
N ASN B 143 -27.38 9.13 1.74
CA ASN B 143 -28.04 10.11 2.59
C ASN B 143 -27.50 9.97 4.01
N LEU B 144 -26.80 11.00 4.50
CA LEU B 144 -26.14 10.90 5.79
C LEU B 144 -27.13 10.98 6.94
N LYS B 145 -27.83 12.10 7.07
CA LYS B 145 -28.76 12.32 8.17
C LYS B 145 -30.16 11.92 7.72
N THR B 146 -30.69 10.86 8.33
CA THR B 146 -32.03 10.37 8.07
C THR B 146 -32.75 10.22 9.41
N ARG B 147 -33.97 9.68 9.35
CA ARG B 147 -34.77 9.55 10.58
C ARG B 147 -34.13 8.57 11.57
N GLU B 148 -33.58 7.46 11.08
CA GLU B 148 -33.00 6.45 11.96
C GLU B 148 -31.53 6.71 12.28
N GLY B 149 -30.93 7.74 11.70
CA GLY B 149 -29.54 8.05 12.00
C GLY B 149 -28.53 7.12 11.37
N ASN B 150 -28.96 6.28 10.44
CA ASN B 150 -28.07 5.34 9.75
C ASN B 150 -27.95 5.77 8.30
N VAL B 151 -26.72 5.95 7.83
CA VAL B 151 -26.49 6.36 6.45
C VAL B 151 -26.94 5.25 5.51
N ARG B 152 -27.71 5.62 4.49
CA ARG B 152 -28.30 4.67 3.56
C ARG B 152 -28.07 5.15 2.14
N VAL B 153 -27.95 4.20 1.20
CA VAL B 153 -27.72 4.54 -0.19
C VAL B 153 -28.96 5.21 -0.75
N SER B 154 -28.89 6.52 -0.95
CA SER B 154 -30.04 7.27 -1.45
C SER B 154 -30.25 7.03 -2.94
N ARG B 155 -29.17 6.96 -3.72
CA ARG B 155 -29.33 6.86 -5.16
C ARG B 155 -28.07 6.25 -5.76
N GLU B 156 -28.24 5.55 -6.88
CA GLU B 156 -27.12 5.02 -7.66
C GLU B 156 -27.27 5.53 -9.09
N LEU B 157 -26.24 6.23 -9.56
CA LEU B 157 -26.29 6.94 -10.83
C LEU B 157 -25.45 6.16 -11.83
N ALA B 158 -26.12 5.54 -12.81
CA ALA B 158 -25.45 4.80 -13.85
C ALA B 158 -25.67 5.46 -15.21
N GLY B 159 -24.79 5.15 -16.15
CA GLY B 159 -24.84 5.75 -17.45
C GLY B 159 -23.46 6.01 -18.03
N HIS B 160 -22.46 6.14 -17.16
CA HIS B 160 -21.08 6.23 -17.61
C HIS B 160 -20.58 4.85 -18.04
N THR B 161 -19.81 4.82 -19.12
CA THR B 161 -19.23 3.58 -19.62
C THR B 161 -17.77 3.43 -19.23
N GLY B 162 -17.25 4.34 -18.40
CA GLY B 162 -15.89 4.23 -17.92
C GLY B 162 -15.84 4.55 -16.43
N TYR B 163 -14.68 4.27 -15.84
CA TYR B 163 -14.52 4.45 -14.40
C TYR B 163 -14.77 5.90 -14.01
N LEU B 164 -15.47 6.10 -12.90
CA LEU B 164 -15.78 7.43 -12.41
C LEU B 164 -14.56 8.00 -11.70
N SER B 165 -13.97 9.06 -12.26
CA SER B 165 -12.73 9.59 -11.71
C SER B 165 -12.95 10.72 -10.71
N CYS B 166 -14.00 11.53 -10.89
CA CYS B 166 -14.28 12.60 -9.96
C CYS B 166 -15.78 12.88 -9.95
N CYS B 167 -16.23 13.52 -8.86
CA CYS B 167 -17.62 13.92 -8.72
C CYS B 167 -17.67 15.12 -7.79
N ARG B 168 -18.61 16.02 -8.06
CA ARG B 168 -18.77 17.23 -7.25
C ARG B 168 -20.24 17.59 -7.17
N PHE B 169 -20.70 17.99 -5.99
CA PHE B 169 -22.09 18.37 -5.80
C PHE B 169 -22.30 19.84 -6.19
N LEU B 170 -23.32 20.09 -7.01
CA LEU B 170 -23.77 21.46 -7.20
C LEU B 170 -24.79 21.85 -6.15
N ASP B 171 -25.80 21.01 -5.95
CA ASP B 171 -26.88 21.25 -5.00
C ASP B 171 -27.10 19.93 -4.26
N ASP B 172 -28.20 19.86 -3.52
CA ASP B 172 -28.65 18.58 -2.98
C ASP B 172 -29.30 17.69 -4.04
N ASN B 173 -29.51 18.20 -5.25
CA ASN B 173 -30.19 17.45 -6.30
C ASN B 173 -29.40 17.36 -7.60
N GLN B 174 -28.35 18.15 -7.78
CA GLN B 174 -27.54 18.10 -8.99
C GLN B 174 -26.11 17.74 -8.64
N ILE B 175 -25.52 16.82 -9.40
CA ILE B 175 -24.14 16.43 -9.18
C ILE B 175 -23.44 16.28 -10.53
N VAL B 176 -22.24 16.84 -10.64
CA VAL B 176 -21.44 16.72 -11.85
C VAL B 176 -20.37 15.65 -11.62
N THR B 177 -20.23 14.74 -12.58
CA THR B 177 -19.34 13.61 -12.47
C THR B 177 -18.53 13.46 -13.75
N SER B 178 -17.23 13.28 -13.60
CA SER B 178 -16.35 13.03 -14.74
C SER B 178 -15.92 11.57 -14.76
N SER B 179 -15.93 10.97 -15.93
CA SER B 179 -15.63 9.55 -16.02
C SER B 179 -14.54 9.30 -17.05
N GLY B 180 -14.04 8.07 -17.06
CA GLY B 180 -12.96 7.65 -17.92
C GLY B 180 -13.34 7.34 -19.35
N ASP B 181 -14.61 7.47 -19.70
CA ASP B 181 -15.02 7.34 -21.09
C ASP B 181 -14.97 8.68 -21.83
N THR B 182 -14.09 9.57 -21.39
CA THR B 182 -13.85 10.88 -22.00
C THR B 182 -15.06 11.80 -21.93
N THR B 183 -15.91 11.66 -20.92
CA THR B 183 -17.10 12.48 -20.79
C THR B 183 -17.29 12.95 -19.36
N CYS B 184 -18.11 13.99 -19.23
CA CYS B 184 -18.63 14.45 -17.95
C CYS B 184 -20.16 14.45 -18.05
N ALA B 185 -20.81 14.49 -16.89
CA ALA B 185 -22.27 14.42 -16.90
C ALA B 185 -22.82 15.15 -15.68
N LEU B 186 -23.85 15.95 -15.91
CA LEU B 186 -24.62 16.61 -14.87
C LEU B 186 -25.89 15.82 -14.63
N TRP B 187 -26.02 15.26 -13.42
CA TRP B 187 -27.09 14.35 -13.04
C TRP B 187 -28.06 15.04 -12.11
N ASP B 188 -29.35 14.79 -12.33
CA ASP B 188 -30.40 15.15 -11.40
C ASP B 188 -30.65 13.94 -10.51
N ILE B 189 -30.26 14.05 -9.24
CA ILE B 189 -30.31 12.90 -8.34
C ILE B 189 -31.74 12.47 -8.10
N GLU B 190 -32.69 13.41 -8.18
CA GLU B 190 -34.09 13.07 -7.94
C GLU B 190 -34.58 12.02 -8.92
N THR B 191 -34.36 12.24 -10.22
CA THR B 191 -34.75 11.27 -11.24
C THR B 191 -33.67 10.26 -11.54
N GLY B 192 -32.41 10.59 -11.26
CA GLY B 192 -31.31 9.69 -11.48
C GLY B 192 -30.77 9.65 -12.89
N GLN B 193 -31.27 10.49 -13.78
CA GLN B 193 -30.86 10.51 -15.18
C GLN B 193 -29.90 11.66 -15.45
N GLN B 194 -29.12 11.52 -16.51
CA GLN B 194 -28.17 12.55 -16.93
C GLN B 194 -28.97 13.74 -17.48
N THR B 195 -29.06 14.82 -16.69
CA THR B 195 -29.67 16.03 -17.19
C THR B 195 -28.87 16.61 -18.35
N THR B 196 -27.54 16.58 -18.26
CA THR B 196 -26.69 17.11 -19.32
C THR B 196 -25.47 16.21 -19.46
N THR B 197 -24.92 16.16 -20.66
CA THR B 197 -23.67 15.45 -20.92
C THR B 197 -22.68 16.38 -21.59
N PHE B 198 -21.41 16.29 -21.19
CA PHE B 198 -20.34 17.15 -21.69
C PHE B 198 -19.33 16.24 -22.37
N THR B 199 -19.27 16.34 -23.70
CA THR B 199 -18.31 15.60 -24.51
C THR B 199 -17.36 16.57 -25.21
N GLY B 200 -16.23 16.04 -25.65
CA GLY B 200 -15.23 16.86 -26.30
C GLY B 200 -13.81 16.47 -25.95
N HIS B 201 -13.63 15.85 -24.78
CA HIS B 201 -12.33 15.34 -24.41
C HIS B 201 -12.00 14.09 -25.21
N THR B 202 -10.73 13.96 -25.61
CA THR B 202 -10.28 12.78 -26.33
C THR B 202 -9.59 11.76 -25.44
N GLY B 203 -9.46 12.05 -24.14
CA GLY B 203 -8.86 11.12 -23.21
C GLY B 203 -9.69 11.02 -21.94
N ASP B 204 -9.27 10.11 -21.07
CA ASP B 204 -9.98 9.90 -19.82
C ASP B 204 -9.94 11.15 -18.95
N VAL B 205 -11.11 11.65 -18.57
CA VAL B 205 -11.17 12.81 -17.68
C VAL B 205 -10.86 12.36 -16.26
N MET B 206 -9.86 12.97 -15.65
CA MET B 206 -9.38 12.55 -14.34
C MET B 206 -9.72 13.53 -13.22
N SER B 207 -9.87 14.81 -13.54
CA SER B 207 -10.10 15.84 -12.54
C SER B 207 -11.38 16.58 -12.84
N LEU B 208 -11.89 17.27 -11.81
CA LEU B 208 -13.14 18.00 -11.93
C LEU B 208 -13.19 19.03 -10.80
N SER B 209 -13.30 20.30 -11.14
CA SER B 209 -13.42 21.37 -10.16
C SER B 209 -14.61 22.24 -10.53
N LEU B 210 -15.40 22.61 -9.52
CA LEU B 210 -16.56 23.45 -9.74
C LEU B 210 -16.24 24.90 -9.39
N ALA B 211 -16.82 25.81 -10.15
CA ALA B 211 -16.64 27.23 -9.87
C ALA B 211 -17.32 27.60 -8.55
N PRO B 212 -16.86 28.65 -7.88
CA PRO B 212 -17.48 29.05 -6.60
C PRO B 212 -18.97 29.33 -6.72
N ASP B 213 -19.40 29.84 -7.87
CA ASP B 213 -20.81 30.12 -8.12
C ASP B 213 -21.56 28.94 -8.73
N THR B 214 -20.89 27.80 -8.94
CA THR B 214 -21.50 26.61 -9.53
C THR B 214 -22.13 26.91 -10.89
N ARG B 215 -21.57 27.87 -11.60
CA ARG B 215 -22.02 28.23 -12.94
C ARG B 215 -21.18 27.60 -14.04
N LEU B 216 -19.90 27.38 -13.76
CA LEU B 216 -18.97 26.77 -14.71
C LEU B 216 -18.19 25.69 -13.98
N PHE B 217 -17.48 24.87 -14.74
CA PHE B 217 -16.56 23.92 -14.13
C PHE B 217 -15.49 23.52 -15.13
N VAL B 218 -14.28 23.28 -14.64
CA VAL B 218 -13.15 22.87 -15.48
C VAL B 218 -12.91 21.39 -15.29
N SER B 219 -12.65 20.69 -16.39
CA SER B 219 -12.34 19.27 -16.36
C SER B 219 -11.03 19.02 -17.09
N GLY B 220 -10.12 18.34 -16.42
CA GLY B 220 -8.84 17.97 -17.01
C GLY B 220 -8.83 16.49 -17.35
N ALA B 221 -8.31 16.17 -18.53
CA ALA B 221 -8.34 14.82 -19.06
C ALA B 221 -6.93 14.34 -19.37
N CYS B 222 -6.86 13.15 -19.96
CA CYS B 222 -5.59 12.54 -20.31
C CYS B 222 -5.03 13.03 -21.63
N ASP B 223 -5.76 13.88 -22.36
CA ASP B 223 -5.25 14.47 -23.58
C ASP B 223 -4.40 15.71 -23.34
N ALA B 224 -3.95 15.92 -22.09
CA ALA B 224 -3.13 17.06 -21.71
C ALA B 224 -3.84 18.39 -21.99
N SER B 225 -5.16 18.40 -21.87
CA SER B 225 -5.95 19.62 -22.07
C SER B 225 -7.02 19.70 -20.99
N ALA B 226 -7.33 20.94 -20.59
CA ALA B 226 -8.39 21.20 -19.63
C ALA B 226 -9.46 22.04 -20.31
N LYS B 227 -10.72 21.64 -20.15
CA LYS B 227 -11.83 22.28 -20.83
C LYS B 227 -12.78 22.90 -19.80
N LEU B 228 -13.24 24.11 -20.10
CA LEU B 228 -14.20 24.80 -19.26
C LEU B 228 -15.60 24.61 -19.83
N TRP B 229 -16.50 24.12 -18.98
CA TRP B 229 -17.85 23.76 -19.39
C TRP B 229 -18.87 24.59 -18.62
N ASP B 230 -19.99 24.88 -19.27
CA ASP B 230 -21.11 25.56 -18.66
C ASP B 230 -22.16 24.52 -18.28
N VAL B 231 -22.58 24.54 -17.03
CA VAL B 231 -23.49 23.50 -16.53
C VAL B 231 -24.86 23.63 -17.18
N ARG B 232 -25.31 24.85 -17.47
CA ARG B 232 -26.63 25.03 -18.06
C ARG B 232 -26.64 24.64 -19.53
N GLU B 233 -25.85 25.31 -20.36
CA GLU B 233 -25.89 25.05 -21.80
C GLU B 233 -25.21 23.73 -22.18
N GLY B 234 -24.32 23.22 -21.35
CA GLY B 234 -23.67 21.96 -21.65
C GLY B 234 -22.75 22.00 -22.85
N MET B 235 -21.98 23.08 -23.00
CA MET B 235 -21.09 23.26 -24.13
C MET B 235 -19.69 23.59 -23.62
N CYS B 236 -18.69 23.15 -24.39
CA CYS B 236 -17.30 23.44 -24.06
C CYS B 236 -17.02 24.92 -24.32
N ARG B 237 -16.98 25.70 -23.26
CA ARG B 237 -16.82 27.15 -23.41
C ARG B 237 -15.48 27.50 -24.02
N GLN B 238 -14.42 26.82 -23.57
CA GLN B 238 -13.07 27.10 -24.04
C GLN B 238 -12.14 25.99 -23.55
N THR B 239 -10.95 25.93 -24.13
CA THR B 239 -10.00 24.85 -23.84
C THR B 239 -8.61 25.42 -23.63
N PHE B 240 -7.79 24.68 -22.89
CA PHE B 240 -6.43 25.09 -22.54
C PHE B 240 -5.53 23.86 -22.70
N THR B 241 -4.63 23.92 -23.68
CA THR B 241 -3.70 22.83 -23.96
C THR B 241 -2.28 23.36 -23.72
N GLY B 242 -1.76 23.13 -22.53
CA GLY B 242 -0.42 23.57 -22.20
C GLY B 242 0.49 22.46 -21.71
N HIS B 243 -0.10 21.40 -21.17
CA HIS B 243 0.67 20.32 -20.56
C HIS B 243 1.24 19.39 -21.63
N GLU B 244 2.18 18.55 -21.20
CA GLU B 244 2.74 17.50 -22.05
C GLU B 244 2.22 16.11 -21.75
N SER B 245 1.79 15.85 -20.52
CA SER B 245 1.24 14.56 -20.13
C SER B 245 -0.18 14.73 -19.62
N ASP B 246 -0.77 13.61 -19.20
CA ASP B 246 -2.15 13.60 -18.74
C ASP B 246 -2.31 14.40 -17.44
N ILE B 247 -3.46 15.04 -17.29
CA ILE B 247 -3.74 15.88 -16.13
C ILE B 247 -4.49 15.05 -15.10
N ASN B 248 -4.02 15.08 -13.85
CA ASN B 248 -4.62 14.31 -12.78
C ASN B 248 -5.47 15.16 -11.83
N ALA B 249 -5.15 16.44 -11.66
CA ALA B 249 -5.84 17.28 -10.70
C ALA B 249 -6.13 18.64 -11.30
N ILE B 250 -7.18 19.28 -10.79
CA ILE B 250 -7.58 20.60 -11.24
C ILE B 250 -8.31 21.28 -10.09
N CYS B 251 -8.26 22.62 -10.05
CA CYS B 251 -8.86 23.37 -8.95
C CYS B 251 -9.00 24.83 -9.38
N PHE B 252 -10.19 25.38 -9.22
CA PHE B 252 -10.39 26.81 -9.49
C PHE B 252 -9.65 27.66 -8.48
N PHE B 253 -9.14 28.79 -8.97
CA PHE B 253 -8.72 29.87 -8.09
C PHE B 253 -9.94 30.38 -7.31
N PRO B 254 -9.77 30.82 -6.07
CA PRO B 254 -10.94 31.25 -5.27
C PRO B 254 -11.75 32.35 -5.94
N ASN B 255 -11.09 33.16 -6.77
CA ASN B 255 -11.81 34.18 -7.53
C ASN B 255 -12.75 33.55 -8.55
N GLY B 256 -12.40 32.38 -9.06
CA GLY B 256 -13.18 31.76 -10.12
C GLY B 256 -12.79 32.16 -11.51
N ASN B 257 -11.78 33.02 -11.66
CA ASN B 257 -11.31 33.45 -12.97
C ASN B 257 -10.01 32.78 -13.40
N ALA B 258 -9.49 31.87 -12.59
CA ALA B 258 -8.26 31.14 -12.92
C ALA B 258 -8.36 29.75 -12.31
N PHE B 259 -7.48 28.86 -12.74
CA PHE B 259 -7.46 27.51 -12.17
C PHE B 259 -6.10 26.88 -12.41
N ALA B 260 -5.72 26.00 -11.48
CA ALA B 260 -4.46 25.30 -11.55
C ALA B 260 -4.68 23.83 -11.93
N THR B 261 -3.76 23.31 -12.73
CA THR B 261 -3.81 21.93 -13.20
C THR B 261 -2.50 21.25 -12.82
N GLY B 262 -2.60 20.05 -12.25
CA GLY B 262 -1.43 19.22 -12.00
C GLY B 262 -1.47 18.02 -12.94
N SER B 263 -0.31 17.69 -13.48
CA SER B 263 -0.20 16.62 -14.46
C SER B 263 0.94 15.68 -14.09
N ASP B 264 1.05 14.60 -14.86
CA ASP B 264 2.16 13.65 -14.70
C ASP B 264 3.45 14.16 -15.30
N ASP B 265 3.46 15.38 -15.86
CA ASP B 265 4.66 16.03 -16.32
C ASP B 265 5.49 16.58 -15.18
N ALA B 266 5.10 16.29 -13.94
CA ALA B 266 5.76 16.80 -12.74
C ALA B 266 5.79 18.32 -12.74
N THR B 267 4.68 18.92 -13.18
CA THR B 267 4.58 20.38 -13.22
C THR B 267 3.12 20.77 -13.04
N CYS B 268 2.89 21.88 -12.34
CA CYS B 268 1.57 22.49 -12.25
C CYS B 268 1.53 23.70 -13.18
N ARG B 269 0.32 24.06 -13.59
CA ARG B 269 0.14 25.20 -14.47
C ARG B 269 -1.10 25.98 -14.07
N LEU B 270 -0.93 27.28 -13.87
CA LEU B 270 -2.04 28.18 -13.59
C LEU B 270 -2.50 28.83 -14.89
N PHE B 271 -3.76 28.59 -15.25
CA PHE B 271 -4.40 29.12 -16.45
C PHE B 271 -5.41 30.18 -16.02
N ASP B 272 -5.67 31.14 -16.90
CA ASP B 272 -6.73 32.13 -16.67
C ASP B 272 -7.90 31.88 -17.60
N LEU B 273 -9.10 32.17 -17.09
CA LEU B 273 -10.31 31.97 -17.88
C LEU B 273 -10.59 33.13 -18.82
N ARG B 274 -10.41 34.37 -18.36
CA ARG B 274 -10.64 35.54 -19.21
C ARG B 274 -9.50 35.77 -20.20
N ALA B 275 -8.25 35.51 -19.80
CA ALA B 275 -7.14 35.59 -20.74
C ALA B 275 -7.10 34.40 -21.69
N ASP B 276 -7.74 33.29 -21.31
CA ASP B 276 -7.86 32.11 -22.16
C ASP B 276 -6.48 31.59 -22.59
N GLN B 277 -5.59 31.48 -21.61
CA GLN B 277 -4.25 30.98 -21.87
C GLN B 277 -3.59 30.65 -20.55
N GLU B 278 -2.37 30.11 -20.63
CA GLU B 278 -1.60 29.73 -19.46
C GLU B 278 -0.90 30.95 -18.86
N LEU B 279 -1.04 31.11 -17.55
CA LEU B 279 -0.44 32.23 -16.85
C LEU B 279 0.93 31.89 -16.26
N MET B 280 1.04 30.77 -15.56
CA MET B 280 2.29 30.48 -14.88
C MET B 280 2.53 28.98 -14.78
N THR B 281 3.79 28.59 -14.62
CA THR B 281 4.21 27.21 -14.49
C THR B 281 4.95 27.02 -13.17
N TYR B 282 4.60 25.95 -12.45
CA TYR B 282 5.20 25.59 -11.16
C TYR B 282 5.92 24.26 -11.35
N SER B 283 7.23 24.33 -11.52
CA SER B 283 8.06 23.15 -11.73
C SER B 283 9.39 23.32 -11.01
N HIS B 284 10.00 22.19 -10.67
CA HIS B 284 11.29 22.17 -10.00
C HIS B 284 12.14 21.07 -10.62
N ASP B 285 13.46 21.26 -10.55
CA ASP B 285 14.39 20.30 -11.12
C ASP B 285 14.50 19.02 -10.29
N ASN B 286 14.28 19.10 -8.98
CA ASN B 286 14.41 17.96 -8.09
C ASN B 286 13.16 17.11 -8.03
N ILE B 287 12.10 17.49 -8.75
CA ILE B 287 10.86 16.73 -8.80
C ILE B 287 10.64 16.25 -10.23
N ILE B 288 10.43 14.94 -10.38
CA ILE B 288 10.20 14.33 -11.69
C ILE B 288 8.99 13.43 -11.60
N CYS B 289 8.24 13.55 -10.51
CA CYS B 289 7.03 12.76 -10.28
C CYS B 289 5.80 13.64 -10.47
N GLY B 290 4.75 13.05 -11.02
CA GLY B 290 3.57 13.84 -11.36
C GLY B 290 2.81 14.31 -10.13
N ILE B 291 1.87 15.21 -10.37
CA ILE B 291 1.00 15.74 -9.32
C ILE B 291 -0.29 14.95 -9.32
N THR B 292 -0.72 14.53 -8.13
CA THR B 292 -1.95 13.78 -7.98
C THR B 292 -3.10 14.59 -7.42
N SER B 293 -2.82 15.73 -6.79
CA SER B 293 -3.86 16.53 -6.14
C SER B 293 -3.43 17.98 -6.10
N VAL B 294 -4.37 18.88 -6.33
CA VAL B 294 -4.12 20.32 -6.38
C VAL B 294 -5.21 21.04 -5.60
N SER B 295 -4.81 22.02 -4.80
CA SER B 295 -5.77 22.86 -4.10
C SER B 295 -5.15 24.23 -3.83
N PHE B 296 -6.02 25.20 -3.60
CA PHE B 296 -5.62 26.57 -3.31
C PHE B 296 -5.98 26.92 -1.87
N SER B 297 -5.25 27.87 -1.30
CA SER B 297 -5.59 28.38 0.01
C SER B 297 -6.78 29.34 -0.11
N LYS B 298 -7.22 29.88 1.02
CA LYS B 298 -8.41 30.73 1.01
C LYS B 298 -8.18 31.99 0.18
N SER B 299 -7.02 32.61 0.31
CA SER B 299 -6.73 33.80 -0.48
C SER B 299 -6.24 33.46 -1.87
N GLY B 300 -5.87 32.21 -2.11
CA GLY B 300 -5.33 31.80 -3.39
C GLY B 300 -3.85 32.07 -3.56
N ARG B 301 -3.16 32.56 -2.53
CA ARG B 301 -1.74 32.85 -2.67
C ARG B 301 -0.90 31.58 -2.64
N LEU B 302 -1.35 30.55 -1.91
CA LEU B 302 -0.61 29.31 -1.80
C LEU B 302 -1.30 28.24 -2.63
N LEU B 303 -0.52 27.55 -3.45
CA LEU B 303 -1.00 26.43 -4.25
C LEU B 303 -0.38 25.16 -3.69
N LEU B 304 -1.21 24.28 -3.15
CA LEU B 304 -0.73 23.06 -2.51
C LEU B 304 -0.92 21.91 -3.49
N ALA B 305 0.17 21.25 -3.87
CA ALA B 305 0.14 20.16 -4.84
C ALA B 305 0.79 18.92 -4.23
N GLY B 306 0.02 17.83 -4.15
CA GLY B 306 0.58 16.57 -3.68
C GLY B 306 1.20 15.79 -4.84
N TYR B 307 2.29 15.09 -4.54
CA TYR B 307 3.08 14.42 -5.57
C TYR B 307 3.12 12.92 -5.31
N ASP B 308 3.68 12.19 -6.28
CA ASP B 308 3.89 10.75 -6.13
C ASP B 308 5.04 10.43 -5.19
N ASP B 309 5.84 11.42 -4.78
CA ASP B 309 6.96 11.20 -3.87
C ASP B 309 6.57 11.49 -2.43
N PHE B 310 5.31 11.21 -2.09
CA PHE B 310 4.74 11.42 -0.75
C PHE B 310 5.16 12.76 -0.14
N ASN B 311 5.10 13.82 -0.93
CA ASN B 311 5.32 15.18 -0.46
C ASN B 311 4.29 16.11 -1.08
N CYS B 312 3.88 17.12 -0.32
CA CYS B 312 2.98 18.16 -0.80
C CYS B 312 3.78 19.46 -0.88
N ASN B 313 4.02 19.93 -2.09
CA ASN B 313 4.71 21.20 -2.25
C ASN B 313 3.72 22.36 -2.19
N VAL B 314 3.99 23.31 -1.32
CA VAL B 314 3.24 24.54 -1.24
C VAL B 314 4.00 25.60 -2.02
N TRP B 315 3.39 26.08 -3.10
CA TRP B 315 3.98 27.04 -4.02
C TRP B 315 3.39 28.41 -3.78
N ASP B 316 4.22 29.43 -3.92
CA ASP B 316 3.73 30.81 -4.01
C ASP B 316 3.05 30.95 -5.36
N ALA B 317 1.71 30.89 -5.37
CA ALA B 317 0.98 30.84 -6.62
C ALA B 317 1.21 32.07 -7.49
N LEU B 318 1.70 33.16 -6.92
CA LEU B 318 1.97 34.37 -7.68
C LEU B 318 3.42 34.52 -8.09
N LYS B 319 4.33 33.71 -7.53
CA LYS B 319 5.75 33.84 -7.81
C LYS B 319 6.40 32.55 -8.29
N ALA B 320 5.67 31.43 -8.31
CA ALA B 320 6.19 30.14 -8.76
C ALA B 320 7.42 29.73 -7.97
N ASP B 321 7.41 30.00 -6.67
CA ASP B 321 8.49 29.62 -5.77
C ASP B 321 7.97 28.64 -4.75
N ARG B 322 8.69 27.55 -4.54
CA ARG B 322 8.29 26.57 -3.54
C ARG B 322 8.34 27.20 -2.15
N ALA B 323 7.17 27.49 -1.58
CA ALA B 323 7.13 28.08 -0.25
C ALA B 323 7.41 27.06 0.85
N GLY B 324 6.98 25.82 0.67
CA GLY B 324 7.19 24.84 1.73
C GLY B 324 6.94 23.43 1.25
N VAL B 325 7.24 22.48 2.12
CA VAL B 325 7.05 21.06 1.86
C VAL B 325 6.31 20.46 3.05
N LEU B 326 5.23 19.73 2.77
CA LEU B 326 4.45 19.03 3.79
C LEU B 326 4.85 17.56 3.84
N ALA B 327 6.09 17.33 4.26
CA ALA B 327 6.60 15.98 4.38
C ALA B 327 5.98 15.30 5.60
N GLY B 328 5.89 13.96 5.53
CA GLY B 328 5.27 13.21 6.60
C GLY B 328 4.48 12.01 6.13
N HIS B 329 4.02 12.03 4.89
CA HIS B 329 3.33 10.88 4.34
C HIS B 329 4.32 9.83 3.88
N ASP B 330 3.85 8.58 3.80
CA ASP B 330 4.72 7.44 3.54
C ASP B 330 4.74 7.01 2.07
N ASN B 331 3.58 6.72 1.49
CA ASN B 331 3.55 6.09 0.16
C ASN B 331 3.42 7.12 -0.97
N ARG B 332 2.29 7.81 -1.02
CA ARG B 332 2.02 8.77 -2.10
C ARG B 332 0.79 9.60 -1.76
N VAL B 333 0.89 10.92 -1.84
CA VAL B 333 -0.22 11.80 -1.52
C VAL B 333 -1.23 11.70 -2.67
N SER B 334 -2.36 11.05 -2.42
CA SER B 334 -3.33 10.84 -3.47
C SER B 334 -4.41 11.91 -3.47
N CYS B 335 -4.73 12.49 -2.32
CA CYS B 335 -5.80 13.48 -2.24
C CYS B 335 -5.38 14.60 -1.30
N LEU B 336 -5.93 15.79 -1.54
CA LEU B 336 -5.55 16.99 -0.82
C LEU B 336 -6.70 17.97 -0.87
N GLY B 337 -6.95 18.65 0.25
CA GLY B 337 -8.06 19.59 0.30
C GLY B 337 -7.96 20.65 1.38
N VAL B 338 -8.29 21.89 1.03
CA VAL B 338 -8.24 23.02 1.96
C VAL B 338 -9.66 23.36 2.38
N THR B 339 -9.83 23.64 3.67
CA THR B 339 -11.15 23.96 4.20
C THR B 339 -11.67 25.27 3.61
N ASP B 340 -13.00 25.45 3.68
CA ASP B 340 -13.61 26.66 3.15
C ASP B 340 -13.17 27.89 3.94
N ASP B 341 -13.02 27.76 5.24
CA ASP B 341 -12.49 28.86 6.06
C ASP B 341 -10.98 28.99 5.96
N GLY B 342 -10.31 28.02 5.33
CA GLY B 342 -8.87 28.09 5.13
C GLY B 342 -8.03 27.82 6.35
N MET B 343 -8.62 27.32 7.43
CA MET B 343 -7.87 27.10 8.66
C MET B 343 -6.86 25.98 8.51
N ALA B 344 -7.25 24.89 7.85
CA ALA B 344 -6.40 23.71 7.76
C ALA B 344 -6.46 23.11 6.37
N VAL B 345 -5.44 22.33 6.04
CA VAL B 345 -5.38 21.54 4.82
C VAL B 345 -5.19 20.08 5.20
N ALA B 346 -5.98 19.20 4.59
CA ALA B 346 -5.90 17.78 4.86
C ALA B 346 -5.32 17.06 3.65
N THR B 347 -4.32 16.23 3.90
CA THR B 347 -3.69 15.40 2.87
C THR B 347 -3.92 13.95 3.20
N GLY B 348 -4.49 13.21 2.26
CA GLY B 348 -4.68 11.77 2.38
C GLY B 348 -3.80 11.06 1.37
N SER B 349 -3.13 10.00 1.83
CA SER B 349 -2.14 9.33 1.03
C SER B 349 -2.42 7.84 0.99
N TRP B 350 -1.59 7.11 0.23
CA TRP B 350 -1.76 5.68 0.05
C TRP B 350 -1.39 4.87 1.28
N ASP B 351 -0.80 5.50 2.31
CA ASP B 351 -0.47 4.79 3.55
C ASP B 351 -1.65 4.70 4.50
N SER B 352 -2.87 4.97 4.03
CA SER B 352 -4.10 4.82 4.80
C SER B 352 -4.15 5.77 6.00
N PHE B 353 -3.65 6.98 5.85
CA PHE B 353 -3.71 7.99 6.91
C PHE B 353 -4.13 9.33 6.33
N LEU B 354 -4.97 10.05 7.05
CA LEU B 354 -5.25 11.45 6.76
C LEU B 354 -4.42 12.32 7.69
N LYS B 355 -3.92 13.44 7.20
CA LYS B 355 -3.15 14.35 8.01
C LYS B 355 -3.69 15.77 7.87
N ILE B 356 -4.05 16.37 9.00
CA ILE B 356 -4.45 17.76 9.07
C ILE B 356 -3.20 18.59 9.37
N TRP B 357 -2.96 19.62 8.58
CA TRP B 357 -1.71 20.36 8.67
C TRP B 357 -1.83 21.74 9.28
N ASN B 358 -2.90 22.48 8.98
CA ASN B 358 -3.13 23.79 9.58
C ASN B 358 -1.91 24.71 9.45
N SER C 8 -15.69 9.28 -40.59
CA SER C 8 -15.04 10.15 -39.62
C SER C 8 -15.17 11.62 -40.03
N ILE C 9 -16.12 11.89 -40.92
CA ILE C 9 -16.35 13.26 -41.37
C ILE C 9 -17.43 13.96 -40.56
N ALA C 10 -18.38 13.20 -39.99
CA ALA C 10 -19.44 13.82 -39.18
C ALA C 10 -18.86 14.52 -37.95
N GLN C 11 -17.89 13.88 -37.29
CA GLN C 11 -17.27 14.50 -36.12
C GLN C 11 -16.39 15.69 -36.50
N ALA C 12 -15.93 15.73 -37.75
CA ALA C 12 -15.11 16.85 -38.19
C ALA C 12 -15.91 18.16 -38.18
N ARG C 13 -17.17 18.09 -38.61
CA ARG C 13 -18.02 19.28 -38.58
C ARG C 13 -18.21 19.77 -37.14
N LYS C 14 -18.46 18.85 -36.21
CA LYS C 14 -18.62 19.23 -34.82
C LYS C 14 -17.34 19.85 -34.26
N LEU C 15 -16.19 19.25 -34.59
CA LEU C 15 -14.92 19.78 -34.09
C LEU C 15 -14.65 21.17 -34.65
N VAL C 16 -14.85 21.38 -35.95
CA VAL C 16 -14.57 22.68 -36.54
C VAL C 16 -15.54 23.72 -36.02
N GLU C 17 -16.80 23.34 -35.78
CA GLU C 17 -17.74 24.27 -35.17
C GLU C 17 -17.29 24.65 -33.76
N GLN C 18 -16.81 23.67 -33.00
CA GLN C 18 -16.30 23.95 -31.66
C GLN C 18 -15.12 24.91 -31.70
N LEU C 19 -14.19 24.71 -32.63
CA LEU C 19 -13.03 25.59 -32.73
C LEU C 19 -13.44 27.00 -33.14
N LYS C 20 -14.37 27.12 -34.11
CA LYS C 20 -14.75 28.46 -34.56
C LYS C 20 -15.57 29.18 -33.50
N MET C 21 -16.29 28.43 -32.66
CA MET C 21 -17.02 29.07 -31.56
C MET C 21 -16.06 29.44 -30.43
N GLU C 22 -15.00 28.67 -30.24
CA GLU C 22 -14.03 28.96 -29.18
C GLU C 22 -13.11 30.12 -29.53
N ALA C 23 -13.01 30.49 -30.80
CA ALA C 23 -12.12 31.57 -31.23
C ALA C 23 -12.78 32.94 -31.23
N ASN C 24 -14.09 33.01 -31.03
CA ASN C 24 -14.82 34.28 -31.05
C ASN C 24 -15.06 34.84 -29.66
N ILE C 25 -14.52 34.21 -28.62
CA ILE C 25 -14.68 34.72 -27.26
C ILE C 25 -13.80 35.94 -27.07
N ASP C 26 -14.28 36.88 -26.27
CA ASP C 26 -13.50 38.08 -25.97
C ASP C 26 -12.41 37.74 -24.97
N ARG C 27 -11.19 38.20 -25.25
CA ARG C 27 -10.03 37.95 -24.40
C ARG C 27 -9.50 39.27 -23.87
N ILE C 28 -9.20 39.31 -22.57
CA ILE C 28 -8.56 40.45 -21.96
C ILE C 28 -7.06 40.21 -21.94
N LYS C 29 -6.28 41.29 -21.84
CA LYS C 29 -4.83 41.18 -21.84
C LYS C 29 -4.38 40.40 -20.61
N VAL C 30 -3.28 39.65 -20.77
CA VAL C 30 -2.73 38.88 -19.66
C VAL C 30 -2.32 39.80 -18.52
N SER C 31 -1.97 41.05 -18.84
CA SER C 31 -1.65 42.01 -17.78
C SER C 31 -2.85 42.26 -16.88
N LYS C 32 -4.04 42.39 -17.48
CA LYS C 32 -5.25 42.60 -16.70
C LYS C 32 -5.57 41.41 -15.81
N ALA C 33 -5.44 40.19 -16.35
CA ALA C 33 -5.70 39.00 -15.54
C ALA C 33 -4.68 38.85 -14.41
N ALA C 34 -3.41 39.11 -14.69
CA ALA C 34 -2.39 39.08 -13.65
C ALA C 34 -2.66 40.11 -12.57
N ALA C 35 -3.05 41.32 -12.95
CA ALA C 35 -3.37 42.35 -11.98
C ALA C 35 -4.57 41.95 -11.14
N ASP C 36 -5.59 41.34 -11.76
CA ASP C 36 -6.76 40.92 -11.01
C ASP C 36 -6.42 39.82 -10.02
N LEU C 37 -5.61 38.84 -10.43
CA LEU C 37 -5.22 37.79 -9.50
C LEU C 37 -4.39 38.35 -8.35
N MET C 38 -3.46 39.27 -8.65
CA MET C 38 -2.66 39.88 -7.60
C MET C 38 -3.53 40.69 -6.64
N ALA C 39 -4.52 41.41 -7.18
CA ALA C 39 -5.41 42.20 -6.33
C ALA C 39 -6.25 41.29 -5.43
N TYR C 40 -6.75 40.18 -5.98
CA TYR C 40 -7.51 39.24 -5.15
C TYR C 40 -6.62 38.64 -4.06
N CYS C 41 -5.39 38.28 -4.39
CA CYS C 41 -4.50 37.70 -3.39
C CYS C 41 -4.17 38.71 -2.30
N GLU C 42 -3.97 39.98 -2.67
CA GLU C 42 -3.62 41.00 -1.68
C GLU C 42 -4.81 41.43 -0.84
N ALA C 43 -6.01 41.45 -1.41
CA ALA C 43 -7.18 41.89 -0.65
C ALA C 43 -7.57 40.89 0.42
N HIS C 44 -7.44 39.60 0.12
CA HIS C 44 -7.84 38.54 1.05
C HIS C 44 -6.65 37.91 1.78
N ALA C 45 -5.49 38.56 1.76
CA ALA C 45 -4.31 38.00 2.42
C ALA C 45 -4.51 37.90 3.93
N LYS C 46 -5.16 38.89 4.52
CA LYS C 46 -5.37 38.88 5.97
C LYS C 46 -6.33 37.78 6.39
N GLU C 47 -7.20 37.35 5.48
CA GLU C 47 -8.23 36.36 5.78
C GLU C 47 -7.76 34.93 5.53
N ASP C 48 -6.49 34.71 5.17
CA ASP C 48 -6.01 33.38 4.86
C ASP C 48 -5.21 32.84 6.04
N PRO C 49 -5.75 31.88 6.81
CA PRO C 49 -4.99 31.36 7.95
C PRO C 49 -3.70 30.65 7.56
N LEU C 50 -3.65 30.00 6.39
CA LEU C 50 -2.43 29.32 6.00
C LEU C 50 -1.33 30.31 5.62
N LEU C 51 -1.71 31.43 5.00
CA LEU C 51 -0.72 32.40 4.57
C LEU C 51 -0.04 33.06 5.76
N THR C 52 -0.83 33.55 6.71
CA THR C 52 -0.31 34.18 7.91
C THR C 52 -0.65 33.30 9.11
N PRO C 53 0.34 32.81 9.85
CA PRO C 53 0.06 31.87 10.95
C PRO C 53 -0.90 32.48 11.96
N VAL C 54 -1.85 31.67 12.43
CA VAL C 54 -2.89 32.11 13.34
C VAL C 54 -2.46 31.76 14.77
N PRO C 55 -2.74 32.61 15.75
CA PRO C 55 -2.43 32.26 17.14
C PRO C 55 -3.18 31.01 17.57
N ALA C 56 -2.55 30.23 18.45
CA ALA C 56 -3.11 28.95 18.87
C ALA C 56 -4.39 29.12 19.68
N SER C 57 -4.69 30.33 20.17
CA SER C 57 -5.90 30.53 20.94
C SER C 57 -7.15 30.31 20.10
N GLU C 58 -7.14 30.76 18.85
CA GLU C 58 -8.28 30.60 17.95
C GLU C 58 -7.96 29.64 16.81
N ASN C 59 -7.07 28.69 17.06
CA ASN C 59 -6.72 27.67 16.07
C ASN C 59 -7.48 26.39 16.41
N PRO C 60 -8.54 26.06 15.66
CA PRO C 60 -9.41 24.94 16.08
C PRO C 60 -8.71 23.59 16.16
N PHE C 61 -7.69 23.36 15.34
CA PHE C 61 -7.03 22.07 15.31
C PHE C 61 -5.85 21.96 16.26
N ARG C 62 -5.54 23.02 17.01
CA ARG C 62 -4.47 22.98 18.00
C ARG C 62 -5.01 23.14 19.42
N GLU C 63 -5.75 24.22 19.69
CA GLU C 63 -6.33 24.45 21.00
C GLU C 63 -7.74 25.01 20.84
N LYS C 64 -8.64 24.56 21.71
CA LYS C 64 -10.01 25.06 21.70
C LYS C 64 -10.07 26.57 21.89
N TYR D 165 43.93 -4.81 35.16
CA TYR D 165 43.38 -5.90 34.37
C TYR D 165 41.85 -5.91 34.43
N GLN D 166 41.31 -5.54 35.59
CA GLN D 166 39.87 -5.50 35.75
C GLN D 166 39.22 -4.39 34.93
N VAL D 167 39.98 -3.34 34.59
CA VAL D 167 39.42 -2.26 33.80
C VAL D 167 39.06 -2.75 32.40
N ILE D 168 39.91 -3.56 31.80
CA ILE D 168 39.64 -4.09 30.47
C ILE D 168 38.38 -4.96 30.48
N THR D 169 38.27 -5.85 31.47
CA THR D 169 37.08 -6.68 31.58
C THR D 169 35.84 -5.83 31.78
N SER D 170 35.92 -4.82 32.65
CA SER D 170 34.77 -3.96 32.91
C SER D 170 34.34 -3.23 31.64
N LEU D 171 35.29 -2.67 30.89
CA LEU D 171 34.91 -1.92 29.70
C LEU D 171 34.39 -2.84 28.60
N LEU D 172 34.95 -4.04 28.44
CA LEU D 172 34.44 -4.97 27.44
C LEU D 172 33.01 -5.41 27.77
N LEU D 173 32.77 -5.75 29.04
CA LEU D 173 31.43 -6.17 29.44
C LEU D 173 30.44 -5.01 29.30
N GLY D 174 30.87 -3.79 29.65
CA GLY D 174 30.00 -2.64 29.47
C GLY D 174 29.68 -2.37 28.02
N THR D 175 30.67 -2.54 27.14
CA THR D 175 30.42 -2.37 25.71
C THR D 175 29.41 -3.40 25.22
N LEU D 176 29.56 -4.65 25.65
CA LEU D 176 28.62 -5.70 25.26
C LEU D 176 27.22 -5.38 25.75
N ILE D 177 27.10 -4.95 27.01
CA ILE D 177 25.79 -4.64 27.58
C ILE D 177 25.16 -3.46 26.84
N PHE D 178 25.95 -2.43 26.57
CA PHE D 178 25.43 -1.26 25.88
C PHE D 178 24.97 -1.61 24.48
N CYS D 179 25.75 -2.42 23.76
CA CYS D 179 25.34 -2.83 22.42
C CYS D 179 24.06 -3.65 22.46
N ALA D 180 23.95 -4.58 23.41
CA ALA D 180 22.74 -5.39 23.51
C ALA D 180 21.51 -4.53 23.82
N VAL D 181 21.64 -3.62 24.79
CA VAL D 181 20.52 -2.75 25.14
C VAL D 181 20.14 -1.88 23.96
N LEU D 182 21.12 -1.27 23.29
CA LEU D 182 20.82 -0.40 22.16
C LEU D 182 20.12 -1.16 21.04
N GLY D 183 20.62 -2.35 20.69
CA GLY D 183 20.01 -3.12 19.62
C GLY D 183 18.59 -3.54 19.95
N ASN D 184 18.39 -4.08 21.16
CA ASN D 184 17.06 -4.55 21.53
C ASN D 184 16.07 -3.40 21.62
N ALA D 185 16.48 -2.27 22.20
CA ALA D 185 15.61 -1.11 22.30
C ALA D 185 15.29 -0.56 20.91
N CYS D 186 16.27 -0.54 20.01
CA CYS D 186 16.02 -0.07 18.65
C CYS D 186 15.00 -0.95 17.94
N VAL D 187 15.14 -2.27 18.10
CA VAL D 187 14.19 -3.18 17.46
C VAL D 187 12.78 -2.99 18.02
N VAL D 188 12.67 -2.88 19.35
CA VAL D 188 11.37 -2.71 19.98
C VAL D 188 10.73 -1.40 19.53
N ALA D 189 11.51 -0.32 19.50
CA ALA D 189 10.99 0.98 19.09
C ALA D 189 10.56 0.96 17.62
N ALA D 190 11.36 0.33 16.76
CA ALA D 190 11.01 0.25 15.35
C ALA D 190 9.71 -0.51 15.15
N ILE D 191 9.52 -1.61 15.88
CA ILE D 191 8.26 -2.33 15.76
C ILE D 191 7.10 -1.51 16.31
N ALA D 192 7.32 -0.80 17.42
CA ALA D 192 6.23 -0.07 18.07
C ALA D 192 5.75 1.10 17.22
N LEU D 193 6.69 1.92 16.74
CA LEU D 193 6.28 3.14 16.04
C LEU D 193 5.80 2.87 14.63
N GLU D 194 6.40 1.90 13.94
CA GLU D 194 6.08 1.65 12.55
C GLU D 194 4.80 0.84 12.44
N ARG D 195 3.95 1.19 11.46
CA ARG D 195 2.74 0.43 11.19
C ARG D 195 3.01 -0.74 10.24
N SER D 196 4.08 -0.65 9.45
CA SER D 196 4.42 -1.73 8.54
C SER D 196 4.80 -3.00 9.29
N LEU D 197 5.54 -2.86 10.38
CA LEU D 197 6.01 -4.01 11.16
C LEU D 197 5.02 -4.34 12.26
N GLN D 198 3.81 -4.72 11.86
CA GLN D 198 2.71 -4.95 12.79
C GLN D 198 1.98 -6.24 12.44
N ASN D 199 2.74 -7.31 12.20
CA ASN D 199 2.17 -8.62 11.93
C ASN D 199 2.67 -9.63 12.95
N VAL D 200 2.19 -10.87 12.83
CA VAL D 200 2.43 -11.89 13.84
C VAL D 200 3.92 -12.21 13.95
N ALA D 201 4.59 -12.37 12.82
CA ALA D 201 6.01 -12.69 12.85
C ALA D 201 6.81 -11.58 13.52
N ASN D 202 6.51 -10.34 13.17
CA ASN D 202 7.20 -9.22 13.81
C ASN D 202 6.75 -9.04 15.26
N TYR D 203 5.53 -9.46 15.60
CA TYR D 203 5.14 -9.48 17.01
C TYR D 203 6.02 -10.43 17.81
N LEU D 204 6.27 -11.63 17.28
CA LEU D 204 7.14 -12.58 17.97
C LEU D 204 8.58 -12.08 18.04
N ILE D 205 9.07 -11.47 16.94
CA ILE D 205 10.42 -10.94 16.97
C ILE D 205 10.52 -9.79 17.97
N GLY D 206 9.49 -8.94 18.06
CA GLY D 206 9.51 -7.87 19.04
C GLY D 206 9.43 -8.36 20.47
N SER D 207 8.66 -9.42 20.70
CA SER D 207 8.65 -10.02 22.04
C SER D 207 10.01 -10.61 22.39
N LEU D 208 10.66 -11.23 21.41
CA LEU D 208 12.02 -11.72 21.64
C LEU D 208 12.97 -10.58 21.97
N ALA D 209 12.82 -9.45 21.26
CA ALA D 209 13.65 -8.28 21.54
C ALA D 209 13.36 -7.72 22.93
N VAL D 210 12.10 -7.73 23.35
CA VAL D 210 11.75 -7.26 24.69
C VAL D 210 12.36 -8.19 25.75
N THR D 211 12.29 -9.50 25.51
CA THR D 211 12.90 -10.44 26.44
C THR D 211 14.41 -10.24 26.53
N ASP D 212 15.07 -10.04 25.39
CA ASP D 212 16.49 -9.76 25.39
C ASP D 212 16.81 -8.41 26.04
N LEU D 213 15.88 -7.45 25.94
CA LEU D 213 16.08 -6.14 26.63
C LEU D 213 16.03 -6.39 28.13
N MET D 214 15.09 -7.22 28.58
CA MET D 214 15.01 -7.58 30.03
C MET D 214 16.32 -8.24 30.46
N VAL D 215 16.86 -9.15 29.65
CA VAL D 215 18.17 -9.81 29.96
C VAL D 215 19.26 -8.74 30.02
N SER D 216 19.35 -7.89 29.01
CA SER D 216 20.46 -6.89 28.93
C SER D 216 20.38 -5.85 30.04
N VAL D 217 19.18 -5.58 30.58
CA VAL D 217 19.01 -4.55 31.58
C VAL D 217 18.95 -5.10 32.99
N LEU D 218 18.48 -6.32 33.19
CA LEU D 218 18.27 -6.87 34.52
C LEU D 218 19.39 -7.75 35.01
N VAL D 219 19.90 -8.67 34.19
CA VAL D 219 20.85 -9.67 34.65
C VAL D 219 22.28 -9.36 34.19
N LEU D 220 22.41 -8.77 33.01
CA LEU D 220 23.75 -8.46 32.42
C LEU D 220 24.51 -7.45 33.29
N PRO D 221 23.92 -6.39 33.94
CA PRO D 221 24.70 -5.54 34.86
C PRO D 221 25.19 -6.27 36.09
N MET D 222 24.31 -7.01 36.78
CA MET D 222 24.76 -7.74 37.97
C MET D 222 25.71 -8.87 37.62
N ALA D 223 25.51 -9.54 36.48
CA ALA D 223 26.44 -10.59 36.06
C ALA D 223 27.82 -10.02 35.75
N ALA D 224 27.86 -8.86 35.09
CA ALA D 224 29.14 -8.21 34.82
C ALA D 224 29.81 -7.77 36.11
N LEU D 225 29.03 -7.26 37.06
CA LEU D 225 29.58 -6.90 38.36
C LEU D 225 30.16 -8.12 39.08
N TYR D 226 29.43 -9.25 39.01
CA TYR D 226 29.91 -10.48 39.62
C TYR D 226 31.19 -10.97 38.94
N GLN D 227 31.28 -10.81 37.63
CA GLN D 227 32.48 -11.21 36.90
C GLN D 227 33.67 -10.34 37.30
N VAL D 228 33.50 -9.02 37.31
CA VAL D 228 34.61 -8.12 37.59
C VAL D 228 35.07 -8.25 39.03
N LEU D 229 34.11 -8.23 39.97
CA LEU D 229 34.49 -8.27 41.38
C LEU D 229 34.96 -9.66 41.80
N ASN D 230 34.70 -10.68 40.99
CA ASN D 230 34.99 -12.07 41.29
C ASN D 230 34.28 -12.55 42.55
N LYS D 231 33.28 -11.81 43.01
CA LYS D 231 32.52 -12.19 44.19
C LYS D 231 31.18 -11.48 44.15
N TRP D 232 30.25 -11.98 44.95
CA TRP D 232 28.90 -11.41 45.04
C TRP D 232 28.83 -10.54 46.30
N THR D 233 28.62 -9.24 46.09
CA THR D 233 28.55 -8.27 47.19
C THR D 233 27.18 -7.60 47.26
N LEU D 234 26.12 -8.34 46.91
CA LEU D 234 24.78 -7.78 46.87
C LEU D 234 23.83 -8.42 47.87
N GLY D 235 24.21 -9.50 48.52
CA GLY D 235 23.38 -10.13 49.52
C GLY D 235 22.71 -11.40 49.02
N GLN D 236 22.25 -12.21 49.97
CA GLN D 236 21.62 -13.48 49.63
C GLN D 236 20.30 -13.27 48.90
N VAL D 237 19.48 -12.33 49.37
CA VAL D 237 18.19 -12.07 48.74
C VAL D 237 18.38 -11.58 47.32
N THR D 238 19.30 -10.64 47.12
CA THR D 238 19.57 -10.16 45.77
C THR D 238 20.21 -11.25 44.91
N CYS D 239 20.99 -12.15 45.51
CA CYS D 239 21.53 -13.27 44.75
C CYS D 239 20.42 -14.18 44.24
N ASP D 240 19.44 -14.47 45.11
CA ASP D 240 18.30 -15.28 44.69
C ASP D 240 17.51 -14.58 43.59
N LEU D 241 17.31 -13.27 43.75
CA LEU D 241 16.60 -12.51 42.72
C LEU D 241 17.35 -12.55 41.40
N PHE D 242 18.67 -12.40 41.43
CA PHE D 242 19.47 -12.40 40.21
C PHE D 242 19.41 -13.77 39.53
N ILE D 243 19.51 -14.84 40.31
CA ILE D 243 19.42 -16.18 39.74
C ILE D 243 18.06 -16.42 39.11
N ALA D 244 17.00 -16.03 39.81
CA ALA D 244 15.65 -16.22 39.29
C ALA D 244 15.45 -15.44 38.00
N LEU D 245 15.88 -14.17 37.97
CA LEU D 245 15.74 -13.36 36.78
C LEU D 245 16.55 -13.92 35.62
N ASP D 246 17.77 -14.37 35.92
CA ASP D 246 18.66 -14.95 34.88
C ASP D 246 17.96 -16.16 34.24
N VAL D 247 17.51 -17.11 35.05
CA VAL D 247 16.90 -18.32 34.53
C VAL D 247 15.62 -17.99 33.77
N LEU D 248 14.76 -17.15 34.36
CA LEU D 248 13.48 -16.83 33.73
C LEU D 248 13.69 -16.16 32.37
N CYS D 249 14.53 -15.12 32.32
CA CYS D 249 14.75 -14.30 31.09
C CYS D 249 15.56 -15.06 30.02
N CYS D 250 16.41 -16.02 30.38
CA CYS D 250 17.24 -16.79 29.40
C CYS D 250 16.41 -17.98 28.89
N THR D 251 15.53 -18.58 29.70
CA THR D 251 14.60 -19.60 29.23
C THR D 251 13.53 -18.98 28.33
N SER D 252 13.05 -17.80 28.71
CA SER D 252 12.06 -17.11 27.89
C SER D 252 12.63 -16.76 26.52
N SER D 253 13.89 -16.34 26.47
CA SER D 253 14.51 -16.01 25.19
C SER D 253 14.66 -17.25 24.32
N ILE D 254 15.10 -18.37 24.89
CA ILE D 254 15.24 -19.60 24.13
C ILE D 254 13.89 -20.04 23.59
N TRP D 255 12.84 -19.94 24.42
CA TRP D 255 11.48 -20.38 24.03
C TRP D 255 10.88 -19.39 23.04
N HIS D 256 11.30 -18.11 23.01
CA HIS D 256 10.93 -17.21 21.92
C HIS D 256 11.58 -17.63 20.61
N LEU D 257 12.84 -18.07 20.66
CA LEU D 257 13.45 -18.62 19.46
C LEU D 257 12.66 -19.81 18.94
N CYS D 258 12.21 -20.71 19.82
CA CYS D 258 11.44 -21.93 19.45
C CYS D 258 10.02 -21.55 19.02
N ALA D 259 9.48 -20.42 19.48
CA ALA D 259 8.19 -19.94 19.01
C ALA D 259 8.30 -19.32 17.62
N ILE D 260 9.37 -18.58 17.36
CA ILE D 260 9.61 -18.03 16.03
C ILE D 260 9.77 -19.17 15.02
N ALA D 261 10.52 -20.20 15.40
CA ALA D 261 10.68 -21.36 14.51
C ALA D 261 9.33 -22.03 14.25
N LEU D 262 8.50 -22.17 15.28
CA LEU D 262 7.19 -22.80 15.11
C LEU D 262 6.29 -21.98 14.21
N ASP D 263 6.29 -20.65 14.38
CA ASP D 263 5.48 -19.80 13.52
C ASP D 263 5.94 -19.89 12.07
N ARG D 264 7.26 -19.90 11.86
CA ARG D 264 7.77 -20.06 10.50
C ARG D 264 7.37 -21.41 9.92
N TYR D 265 7.43 -22.47 10.73
CA TYR D 265 7.04 -23.79 10.24
C TYR D 265 5.57 -23.82 9.84
N TRP D 266 4.70 -23.20 10.65
CA TRP D 266 3.29 -23.14 10.32
C TRP D 266 3.02 -22.28 9.09
N ALA D 267 3.79 -21.22 8.88
CA ALA D 267 3.61 -20.40 7.68
C ALA D 267 4.08 -21.11 6.41
N ILE D 268 5.20 -21.83 6.48
CA ILE D 268 5.73 -22.48 5.29
C ILE D 268 4.86 -23.65 4.87
N THR D 269 4.43 -24.48 5.83
CA THR D 269 3.78 -25.74 5.51
C THR D 269 2.26 -25.67 5.53
N ASP D 270 1.66 -24.61 6.07
CA ASP D 270 0.21 -24.49 6.16
C ASP D 270 -0.22 -23.12 5.66
N PRO D 271 -0.22 -22.92 4.33
CA PRO D 271 -0.71 -21.64 3.79
C PRO D 271 -2.17 -21.37 4.11
N ILE D 272 -3.00 -22.42 4.16
CA ILE D 272 -4.42 -22.21 4.49
C ILE D 272 -4.56 -21.70 5.92
N ASP D 273 -3.81 -22.28 6.85
CA ASP D 273 -3.79 -21.77 8.22
C ASP D 273 -3.21 -20.36 8.27
N TYR D 274 -2.17 -20.09 7.48
CA TYR D 274 -1.56 -18.77 7.45
C TYR D 274 -2.54 -17.70 6.97
N VAL D 275 -3.43 -18.05 6.05
CA VAL D 275 -4.36 -17.09 5.49
C VAL D 275 -5.62 -16.97 6.35
N ASN D 276 -6.18 -18.10 6.78
CA ASN D 276 -7.49 -18.11 7.42
C ASN D 276 -7.47 -18.07 8.93
N LYS D 277 -6.35 -18.42 9.58
CA LYS D 277 -6.38 -18.60 11.03
C LYS D 277 -5.29 -17.83 11.76
N ARG D 278 -4.23 -17.44 11.06
CA ARG D 278 -3.12 -16.76 11.75
C ARG D 278 -3.55 -15.37 12.22
N THR D 279 -3.53 -15.17 13.54
CA THR D 279 -3.95 -13.95 14.18
C THR D 279 -2.91 -13.52 15.20
N PRO D 280 -2.89 -12.24 15.58
CA PRO D 280 -2.02 -11.81 16.68
C PRO D 280 -2.33 -12.49 18.00
N ARG D 281 -3.54 -13.03 18.17
CA ARG D 281 -3.83 -13.83 19.36
C ARG D 281 -2.93 -15.05 19.45
N ARG D 282 -2.58 -15.63 18.31
CA ARG D 282 -1.62 -16.73 18.29
C ARG D 282 -0.25 -16.28 18.80
N ALA D 283 0.19 -15.10 18.38
CA ALA D 283 1.45 -14.56 18.86
C ALA D 283 1.40 -14.33 20.37
N ALA D 284 0.30 -13.77 20.86
CA ALA D 284 0.16 -13.55 22.29
C ALA D 284 0.19 -14.85 23.07
N ALA D 285 -0.50 -15.88 22.55
CA ALA D 285 -0.51 -17.17 23.22
C ALA D 285 0.86 -17.82 23.21
N LEU D 286 1.64 -17.63 22.14
CA LEU D 286 2.99 -18.17 22.12
C LEU D 286 3.91 -17.45 23.10
N ILE D 287 3.83 -16.12 23.15
CA ILE D 287 4.68 -15.35 24.06
C ILE D 287 4.35 -15.69 25.51
N SER D 288 3.05 -15.78 25.82
CA SER D 288 2.64 -16.14 27.18
C SER D 288 3.12 -17.54 27.53
N LEU D 289 3.09 -18.45 26.57
CA LEU D 289 3.58 -19.81 26.83
C LEU D 289 5.08 -19.81 27.11
N THR D 290 5.85 -19.03 26.34
CA THR D 290 7.29 -18.97 26.60
C THR D 290 7.58 -18.40 27.98
N TRP D 291 6.87 -17.33 28.35
CA TRP D 291 7.09 -16.75 29.68
C TRP D 291 6.63 -17.69 30.78
N LEU D 292 5.56 -18.45 30.55
CA LEU D 292 5.12 -19.43 31.52
C LEU D 292 6.15 -20.53 31.72
N ILE D 293 6.78 -20.99 30.64
CA ILE D 293 7.83 -21.99 30.77
C ILE D 293 9.02 -21.40 31.52
N GLY D 294 9.38 -20.15 31.23
CA GLY D 294 10.44 -19.50 31.96
C GLY D 294 10.15 -19.42 33.45
N PHE D 295 8.92 -19.07 33.82
CA PHE D 295 8.53 -19.06 35.21
C PHE D 295 8.59 -20.46 35.82
N LEU D 296 8.10 -21.47 35.10
CA LEU D 296 8.09 -22.84 35.60
C LEU D 296 9.49 -23.40 35.79
N ILE D 297 10.49 -22.87 35.09
CA ILE D 297 11.87 -23.27 35.29
C ILE D 297 12.54 -22.46 36.40
N SER D 298 12.24 -21.17 36.48
CA SER D 298 12.97 -20.27 37.36
C SER D 298 12.44 -20.25 38.80
N ILE D 299 11.17 -20.55 39.02
CA ILE D 299 10.54 -20.43 40.33
C ILE D 299 10.84 -21.61 41.26
N PRO D 300 10.81 -22.87 40.81
CA PRO D 300 10.94 -24.00 41.75
C PRO D 300 12.16 -23.91 42.65
N PRO D 301 13.34 -23.49 42.17
CA PRO D 301 14.50 -23.47 43.08
C PRO D 301 14.30 -22.57 44.29
N MET D 302 13.59 -21.45 44.15
CA MET D 302 13.29 -20.63 45.31
C MET D 302 12.33 -21.33 46.27
N LEU D 303 11.32 -22.01 45.73
CA LEU D 303 10.30 -22.67 46.54
C LEU D 303 10.64 -24.16 46.65
N GLY D 304 11.73 -24.45 47.33
CA GLY D 304 12.20 -25.81 47.52
C GLY D 304 13.13 -26.28 46.42
N TRP D 305 13.36 -27.58 46.42
CA TRP D 305 14.23 -28.24 45.44
C TRP D 305 15.57 -27.53 45.34
N ARG D 306 16.15 -27.26 46.51
CA ARG D 306 17.35 -26.45 46.60
C ARG D 306 18.24 -27.00 47.71
N THR D 307 19.56 -27.02 47.45
CA THR D 307 20.55 -27.51 48.40
C THR D 307 21.23 -26.34 49.11
N PRO D 308 21.59 -26.53 50.39
CA PRO D 308 22.19 -25.42 51.15
C PRO D 308 23.54 -24.95 50.61
N GLU D 309 24.13 -25.68 49.65
CA GLU D 309 25.43 -25.28 49.12
C GLU D 309 25.39 -23.88 48.52
N ASP D 310 24.26 -23.49 47.95
CA ASP D 310 24.13 -22.14 47.40
C ASP D 310 24.32 -21.09 48.50
N ARG D 311 23.82 -21.37 49.70
CA ARG D 311 24.04 -20.50 50.84
C ARG D 311 25.27 -20.90 51.66
N SER D 312 26.02 -21.91 51.21
CA SER D 312 27.23 -22.31 51.93
C SER D 312 28.30 -21.23 51.87
N ASP D 313 28.50 -20.64 50.69
CA ASP D 313 29.52 -19.61 50.50
C ASP D 313 28.83 -18.28 50.26
N PRO D 314 28.92 -17.31 51.19
CA PRO D 314 28.27 -16.01 50.98
C PRO D 314 28.85 -15.22 49.82
N ASP D 315 30.07 -15.54 49.38
CA ASP D 315 30.73 -14.80 48.31
C ASP D 315 30.54 -15.44 46.94
N ALA D 316 29.42 -16.12 46.73
CA ALA D 316 29.13 -16.74 45.45
C ALA D 316 27.62 -16.74 45.23
N CYS D 317 27.22 -16.76 43.96
CA CYS D 317 25.80 -16.77 43.61
C CYS D 317 25.51 -17.91 42.64
N THR D 318 26.00 -19.11 42.94
CA THR D 318 25.80 -20.24 42.07
C THR D 318 24.35 -20.72 42.11
N ILE D 319 23.86 -21.19 40.97
CA ILE D 319 22.51 -21.72 40.89
C ILE D 319 22.44 -23.06 41.63
N SER D 320 21.22 -23.51 41.92
CA SER D 320 21.01 -24.77 42.62
C SER D 320 21.64 -25.92 41.85
N LYS D 321 22.39 -26.76 42.57
CA LYS D 321 23.12 -27.87 41.97
C LYS D 321 22.44 -29.21 42.19
N ASP D 322 21.18 -29.19 42.61
CA ASP D 322 20.45 -30.45 42.82
C ASP D 322 20.34 -31.21 41.51
N HIS D 323 20.56 -32.53 41.58
CA HIS D 323 20.56 -33.34 40.36
C HIS D 323 19.19 -33.31 39.68
N GLY D 324 18.13 -33.46 40.45
CA GLY D 324 16.80 -33.39 39.87
C GLY D 324 16.52 -32.04 39.23
N TYR D 325 16.88 -30.96 39.93
CA TYR D 325 16.70 -29.63 39.37
C TYR D 325 17.61 -29.42 38.16
N THR D 326 18.83 -29.95 38.20
CA THR D 326 19.72 -29.84 37.06
C THR D 326 19.09 -30.45 35.82
N ILE D 327 18.63 -31.69 35.93
CA ILE D 327 18.01 -32.36 34.79
C ILE D 327 16.77 -31.59 34.33
N TYR D 328 15.90 -31.25 35.28
CA TYR D 328 14.64 -30.60 34.94
C TYR D 328 14.87 -29.28 34.22
N SER D 329 15.69 -28.40 34.79
CA SER D 329 15.90 -27.07 34.22
C SER D 329 16.65 -27.15 32.90
N THR D 330 17.72 -27.95 32.83
CA THR D 330 18.50 -28.02 31.60
C THR D 330 17.68 -28.61 30.46
N PHE D 331 16.83 -29.59 30.75
CA PHE D 331 16.02 -30.19 29.69
C PHE D 331 14.88 -29.26 29.28
N GLY D 332 14.21 -28.63 30.25
CA GLY D 332 13.10 -27.76 29.91
C GLY D 332 13.52 -26.39 29.40
N ALA D 333 14.80 -26.05 29.48
CA ALA D 333 15.28 -24.76 29.02
C ALA D 333 16.06 -24.81 27.72
N PHE D 334 16.89 -25.83 27.50
CA PHE D 334 17.67 -25.88 26.27
C PHE D 334 17.43 -27.13 25.44
N TYR D 335 17.51 -28.31 26.06
CA TYR D 335 17.60 -29.54 25.29
C TYR D 335 16.29 -29.85 24.58
N ILE D 336 15.16 -29.75 25.28
CA ILE D 336 13.87 -29.91 24.63
C ILE D 336 13.68 -28.80 23.61
N PRO D 337 13.91 -27.50 23.95
CA PRO D 337 13.91 -26.42 22.94
C PRO D 337 14.90 -26.63 21.77
N LEU D 338 16.06 -27.25 22.00
CA LEU D 338 17.02 -27.53 20.92
C LEU D 338 16.47 -28.59 19.99
N LEU D 339 15.98 -29.71 20.55
CA LEU D 339 15.44 -30.79 19.72
C LEU D 339 14.23 -30.31 18.93
N LEU D 340 13.31 -29.60 19.59
CA LEU D 340 12.09 -29.17 18.91
C LEU D 340 12.40 -28.22 17.77
N MET D 341 13.28 -27.23 18.02
CA MET D 341 13.64 -26.18 17.02
C MET D 341 14.50 -26.79 15.91
N LEU D 342 15.31 -27.80 16.20
CA LEU D 342 16.02 -28.55 15.15
C LEU D 342 15.04 -29.28 14.26
N VAL D 343 14.05 -29.96 14.85
CA VAL D 343 13.06 -30.69 14.05
C VAL D 343 12.27 -29.72 13.17
N LEU D 344 11.83 -28.61 13.76
CA LEU D 344 11.04 -27.64 13.01
C LEU D 344 11.83 -27.07 11.85
N TYR D 345 13.09 -26.69 12.08
CA TYR D 345 13.87 -26.09 11.00
C TYR D 345 14.32 -27.12 9.98
N GLY D 346 14.47 -28.39 10.38
CA GLY D 346 14.69 -29.42 9.39
C GLY D 346 13.50 -29.62 8.47
N ARG D 347 12.29 -29.59 9.04
CA ARG D 347 11.09 -29.67 8.22
C ARG D 347 10.98 -28.46 7.31
N ILE D 348 11.31 -27.26 7.82
CA ILE D 348 11.29 -26.06 7.00
C ILE D 348 12.31 -26.17 5.87
N PHE D 349 13.49 -26.74 6.16
CA PHE D 349 14.49 -26.93 5.13
C PHE D 349 13.99 -27.88 4.04
N ARG D 350 13.34 -28.97 4.44
CA ARG D 350 12.79 -29.89 3.45
C ARG D 350 11.75 -29.20 2.58
N ALA D 351 10.85 -28.44 3.20
CA ALA D 351 9.81 -27.74 2.43
C ALA D 351 10.42 -26.73 1.48
N ALA D 352 11.39 -25.94 1.95
CA ALA D 352 12.03 -24.95 1.10
C ALA D 352 12.78 -25.59 -0.06
N ARG D 353 13.49 -26.68 0.21
CA ARG D 353 14.22 -27.36 -0.86
C ARG D 353 13.26 -27.95 -1.89
N PHE D 354 12.15 -28.52 -1.42
CA PHE D 354 11.14 -29.04 -2.35
C PHE D 354 10.56 -27.94 -3.21
N ARG D 355 10.27 -26.78 -2.62
CA ARG D 355 9.76 -25.66 -3.42
C ARG D 355 10.79 -25.15 -4.41
N ILE D 356 12.06 -25.12 -4.02
CA ILE D 356 13.11 -24.65 -4.94
C ILE D 356 13.27 -25.61 -6.11
N ARG D 357 13.29 -26.92 -5.84
CA ARG D 357 13.44 -27.88 -6.93
C ARG D 357 12.23 -27.87 -7.86
N LYS D 358 11.04 -27.59 -7.31
CA LYS D 358 9.82 -27.57 -8.10
C LYS D 358 9.86 -26.49 -9.16
N LYS D 454 16.55 -18.65 -26.14
CA LYS D 454 16.52 -20.08 -26.41
C LYS D 454 16.13 -20.85 -25.16
N ASN D 455 15.57 -22.06 -25.35
CA ASN D 455 15.12 -22.85 -24.21
C ASN D 455 16.29 -23.27 -23.33
N GLU D 456 17.44 -23.57 -23.93
CA GLU D 456 18.59 -24.01 -23.14
C GLU D 456 19.11 -22.90 -22.24
N ARG D 457 19.10 -21.66 -22.73
CA ARG D 457 19.50 -20.53 -21.87
C ARG D 457 18.54 -20.35 -20.72
N ASN D 458 17.23 -20.51 -20.96
CA ASN D 458 16.26 -20.43 -19.88
C ASN D 458 16.47 -21.55 -18.87
N ALA D 459 16.77 -22.76 -19.34
CA ALA D 459 17.04 -23.86 -18.41
C ALA D 459 18.29 -23.59 -17.59
N GLU D 460 19.33 -23.05 -18.20
CA GLU D 460 20.54 -22.70 -17.46
C GLU D 460 20.25 -21.63 -16.42
N ALA D 461 19.46 -20.61 -16.78
CA ALA D 461 19.09 -19.58 -15.82
C ALA D 461 18.28 -20.15 -14.66
N LYS D 462 17.33 -21.05 -14.96
CA LYS D 462 16.55 -21.69 -13.91
C LYS D 462 17.43 -22.53 -12.98
N ARG D 463 18.38 -23.28 -13.54
CA ARG D 463 19.28 -24.07 -12.71
C ARG D 463 20.14 -23.17 -11.82
N LYS D 464 20.65 -22.07 -12.37
CA LYS D 464 21.45 -21.15 -11.57
C LYS D 464 20.62 -20.52 -10.46
N MET D 465 19.37 -20.15 -10.76
CA MET D 465 18.50 -19.57 -9.75
C MET D 465 18.19 -20.58 -8.65
N ALA D 466 17.93 -21.84 -9.03
CA ALA D 466 17.68 -22.87 -8.04
C ALA D 466 18.90 -23.12 -7.15
N LEU D 467 20.09 -23.17 -7.74
CA LEU D 467 21.30 -23.31 -6.94
C LEU D 467 21.52 -22.13 -6.00
N ALA D 468 21.27 -20.91 -6.47
CA ALA D 468 21.40 -19.75 -5.61
C ALA D 468 20.41 -19.80 -4.44
N ARG D 469 19.17 -20.22 -4.72
CA ARG D 469 18.18 -20.32 -3.66
C ARG D 469 18.54 -21.40 -2.64
N GLU D 470 19.07 -22.53 -3.12
CA GLU D 470 19.52 -23.58 -2.20
C GLU D 470 20.68 -23.08 -1.34
N ARG D 471 21.63 -22.37 -1.94
CA ARG D 471 22.73 -21.82 -1.15
C ARG D 471 22.22 -20.82 -0.12
N LYS D 472 21.24 -19.99 -0.51
CA LYS D 472 20.69 -19.02 0.42
C LYS D 472 19.98 -19.69 1.59
N THR D 473 19.20 -20.74 1.32
CA THR D 473 18.49 -21.39 2.41
C THR D 473 19.44 -22.14 3.33
N VAL D 474 20.51 -22.73 2.78
CA VAL D 474 21.52 -23.34 3.63
C VAL D 474 22.20 -22.28 4.48
N LYS D 475 22.51 -21.12 3.90
CA LYS D 475 23.15 -20.05 4.64
C LYS D 475 22.27 -19.57 5.79
N THR D 476 20.97 -19.42 5.54
CA THR D 476 20.07 -18.93 6.58
C THR D 476 19.91 -19.94 7.70
N LEU D 477 19.64 -21.21 7.34
CA LEU D 477 19.50 -22.23 8.37
C LEU D 477 20.82 -22.54 9.06
N GLY D 478 21.94 -22.07 8.51
CA GLY D 478 23.20 -22.14 9.22
C GLY D 478 23.37 -20.99 10.19
N ILE D 479 23.16 -19.76 9.73
CA ILE D 479 23.34 -18.62 10.62
C ILE D 479 22.34 -18.61 11.76
N ILE D 480 21.26 -19.40 11.64
CA ILE D 480 20.26 -19.49 12.74
C ILE D 480 20.67 -20.59 13.73
N MET D 481 20.71 -21.85 13.29
CA MET D 481 20.99 -22.97 14.24
C MET D 481 22.43 -22.90 14.76
N GLY D 482 23.41 -22.67 13.87
CA GLY D 482 24.82 -22.56 14.31
C GLY D 482 24.98 -21.54 15.42
N THR D 483 24.44 -20.33 15.24
CA THR D 483 24.49 -19.29 16.26
C THR D 483 23.85 -19.78 17.55
N PHE D 484 22.64 -20.35 17.45
CA PHE D 484 21.97 -20.86 18.65
C PHE D 484 22.84 -21.90 19.35
N ILE D 485 23.38 -22.85 18.59
CA ILE D 485 24.14 -23.94 19.19
C ILE D 485 25.43 -23.42 19.82
N LEU D 486 26.22 -22.66 19.04
CA LEU D 486 27.52 -22.09 19.52
C LEU D 486 27.26 -21.28 20.79
N CYS D 487 26.13 -20.56 20.87
CA CYS D 487 25.89 -19.68 22.01
C CYS D 487 25.38 -20.43 23.24
N TRP D 488 24.57 -21.47 23.08
CA TRP D 488 23.94 -22.08 24.25
C TRP D 488 24.45 -23.47 24.59
N LEU D 489 24.74 -24.31 23.59
CA LEU D 489 25.16 -25.68 23.87
C LEU D 489 26.41 -25.75 24.75
N PRO D 490 27.46 -24.96 24.52
CA PRO D 490 28.60 -25.01 25.45
C PRO D 490 28.21 -24.73 26.89
N PHE D 491 27.25 -23.83 27.10
CA PHE D 491 26.81 -23.43 28.47
C PHE D 491 25.97 -24.55 29.10
N PHE D 492 25.12 -25.24 28.34
CA PHE D 492 24.22 -26.22 28.93
C PHE D 492 24.86 -27.60 29.06
N ILE D 493 25.84 -27.93 28.21
CA ILE D 493 26.60 -29.15 28.45
C ILE D 493 27.30 -29.07 29.80
N VAL D 494 27.94 -27.95 30.09
CA VAL D 494 28.59 -27.73 31.38
C VAL D 494 27.57 -27.71 32.51
N ALA D 495 26.44 -27.03 32.31
CA ALA D 495 25.42 -26.91 33.34
C ALA D 495 24.78 -28.24 33.68
N LEU D 496 24.76 -29.19 32.73
CA LEU D 496 24.23 -30.52 33.00
C LEU D 496 25.28 -31.49 33.52
N VAL D 497 26.54 -31.32 33.12
CA VAL D 497 27.57 -32.28 33.48
C VAL D 497 28.13 -32.00 34.87
N LEU D 498 28.48 -30.73 35.14
CA LEU D 498 29.19 -30.41 36.37
C LEU D 498 28.45 -30.80 37.65
N PRO D 499 27.14 -30.55 37.79
CA PRO D 499 26.47 -30.97 39.04
C PRO D 499 26.60 -32.46 39.31
N PHE D 500 26.61 -33.29 38.27
CA PHE D 500 26.74 -34.73 38.47
C PHE D 500 28.18 -35.13 38.78
N CYS D 501 29.15 -34.43 38.20
CA CYS D 501 30.56 -34.72 38.40
C CYS D 501 31.13 -33.74 39.41
N GLU D 502 30.89 -34.04 40.69
CA GLU D 502 31.34 -33.14 41.76
C GLU D 502 32.85 -33.07 41.83
N SER D 503 33.54 -34.20 41.69
CA SER D 503 34.98 -34.27 41.83
C SER D 503 35.63 -34.74 40.53
N SER D 504 36.92 -34.47 40.41
CA SER D 504 37.76 -34.84 39.28
C SER D 504 37.35 -34.17 37.97
N CYS D 505 36.47 -33.17 38.04
CA CYS D 505 36.02 -32.44 36.85
C CYS D 505 36.04 -30.94 37.14
N HIS D 506 37.16 -30.46 37.68
CA HIS D 506 37.32 -29.06 38.02
C HIS D 506 37.10 -28.18 36.80
N MET D 507 36.37 -27.08 36.98
CA MET D 507 36.02 -26.19 35.88
C MET D 507 36.95 -24.98 35.90
N PRO D 508 37.78 -24.78 34.88
CA PRO D 508 38.61 -23.57 34.85
C PRO D 508 37.75 -22.30 34.87
N THR D 509 38.21 -21.30 35.61
CA THR D 509 37.40 -20.09 35.78
C THR D 509 37.30 -19.29 34.50
N LEU D 510 38.39 -19.19 33.74
CA LEU D 510 38.35 -18.44 32.49
C LEU D 510 37.44 -19.12 31.47
N LEU D 511 37.56 -20.44 31.33
CA LEU D 511 36.69 -21.16 30.43
C LEU D 511 35.23 -21.06 30.86
N GLY D 512 34.98 -21.16 32.17
CA GLY D 512 33.61 -21.03 32.67
C GLY D 512 33.03 -19.66 32.36
N ALA D 513 33.83 -18.61 32.52
CA ALA D 513 33.35 -17.26 32.21
C ALA D 513 33.08 -17.10 30.72
N ILE D 514 33.97 -17.63 29.88
CA ILE D 514 33.76 -17.56 28.44
C ILE D 514 32.46 -18.27 28.06
N ILE D 515 32.24 -19.45 28.66
CA ILE D 515 31.06 -20.30 28.33
C ILE D 515 29.78 -19.61 28.85
N ASN D 516 29.82 -18.93 30.01
CA ASN D 516 28.66 -18.18 30.49
C ASN D 516 28.36 -16.99 29.58
N TRP D 517 29.38 -16.25 29.18
CA TRP D 517 29.12 -15.03 28.42
C TRP D 517 28.84 -15.31 26.95
N LEU D 518 29.21 -16.48 26.43
CA LEU D 518 28.70 -16.88 25.13
C LEU D 518 27.18 -17.02 25.15
N GLY D 519 26.65 -17.59 26.23
CA GLY D 519 25.20 -17.67 26.41
C GLY D 519 24.58 -16.31 26.61
N TYR D 520 25.27 -15.45 27.37
CA TYR D 520 24.77 -14.09 27.57
C TYR D 520 24.69 -13.31 26.27
N SER D 521 25.67 -13.51 25.38
CA SER D 521 25.72 -12.77 24.13
C SER D 521 24.63 -13.17 23.14
N ASN D 522 23.87 -14.22 23.44
CA ASN D 522 22.74 -14.56 22.59
C ASN D 522 21.70 -13.45 22.59
N SER D 523 21.54 -12.74 23.71
CA SER D 523 20.65 -11.59 23.74
C SER D 523 21.12 -10.49 22.82
N LEU D 524 22.44 -10.36 22.63
CA LEU D 524 22.97 -9.41 21.66
C LEU D 524 22.77 -9.88 20.23
N LEU D 525 23.01 -11.17 19.97
CA LEU D 525 22.98 -11.68 18.61
C LEU D 525 21.57 -11.99 18.09
N ASN D 526 20.57 -12.09 18.96
CA ASN D 526 19.22 -12.39 18.48
C ASN D 526 18.64 -11.28 17.60
N PRO D 527 18.68 -10.00 17.98
CA PRO D 527 18.21 -8.97 17.04
C PRO D 527 19.02 -8.88 15.77
N VAL D 528 20.32 -9.22 15.83
CA VAL D 528 21.15 -9.19 14.65
C VAL D 528 20.64 -10.16 13.59
N ILE D 529 20.16 -11.32 14.02
CA ILE D 529 19.69 -12.34 13.10
C ILE D 529 18.23 -12.12 12.73
N TYR D 530 17.35 -12.04 13.72
CA TYR D 530 15.92 -12.02 13.45
C TYR D 530 15.39 -10.65 13.09
N ALA D 531 16.13 -9.58 13.35
CA ALA D 531 15.65 -8.23 13.08
C ALA D 531 16.54 -7.46 12.11
N TYR D 532 17.85 -7.45 12.31
CA TYR D 532 18.73 -6.59 11.53
C TYR D 532 19.14 -7.20 10.20
N PHE D 533 18.41 -8.21 9.71
CA PHE D 533 18.71 -8.85 8.43
C PHE D 533 17.59 -8.70 7.41
N ASN D 534 16.33 -8.89 7.81
CA ASN D 534 15.24 -8.85 6.85
C ASN D 534 15.05 -7.42 6.33
N LYS D 535 14.59 -7.32 5.08
CA LYS D 535 14.60 -6.03 4.39
C LYS D 535 13.61 -5.05 5.01
N ASP D 536 12.48 -5.55 5.53
CA ASP D 536 11.47 -4.66 6.07
C ASP D 536 11.99 -3.88 7.28
N PHE D 537 12.73 -4.56 8.17
CA PHE D 537 13.30 -3.86 9.31
C PHE D 537 14.35 -2.84 8.87
N GLN D 538 15.15 -3.18 7.86
CA GLN D 538 16.15 -2.24 7.37
C GLN D 538 15.49 -1.00 6.79
N ASN D 539 14.41 -1.18 6.02
CA ASN D 539 13.67 -0.04 5.50
C ASN D 539 13.04 0.79 6.61
N ALA D 540 12.48 0.15 7.64
CA ALA D 540 11.93 0.88 8.77
C ALA D 540 13.00 1.68 9.50
N PHE D 541 14.17 1.09 9.72
CA PHE D 541 15.26 1.81 10.37
C PHE D 541 15.73 2.99 9.52
N LYS D 542 15.82 2.80 8.19
CA LYS D 542 16.20 3.90 7.33
C LYS D 542 15.18 5.02 7.38
N LYS D 543 13.89 4.69 7.44
CA LYS D 543 12.85 5.70 7.60
C LYS D 543 13.00 6.42 8.93
N ILE D 544 13.29 5.68 10.00
CA ILE D 544 13.43 6.29 11.32
C ILE D 544 14.64 7.21 11.37
N ILE D 545 15.74 6.77 10.72
CA ILE D 545 16.98 7.58 10.73
C ILE D 545 17.18 8.20 9.33
C1 YGH E . 18.67 -22.38 32.71
C2 YGH E . 19.86 -21.72 33.13
C3 YGH E . 20.79 -22.48 33.89
C10 YGH E . 19.77 -20.36 32.64
C11 YGH E . 20.70 -19.22 32.77
C12 YGH E . 21.54 -18.98 31.52
C14 YGH E . 23.45 -17.80 30.72
C15 YGH E . 24.85 -17.69 31.29
C16 YGH E . 23.35 -18.49 33.00
C18 YGH E . 24.73 -17.89 32.80
C4 YGH E . 20.60 -23.83 34.24
C5 YGH E . 19.40 -24.43 33.78
C6 YGH E . 18.45 -23.74 33.05
C8 YGH E . 21.09 -25.52 35.89
C9 YGH E . 18.58 -20.22 31.95
F1 YGH E . 21.93 -21.85 34.29
N1 YGH E . 17.89 -21.44 31.98
N13 YGH E . 22.55 -17.93 31.90
O7 YGH E . 21.56 -24.54 34.98
O12 J40 F . 21.64 -11.03 2.80
P1 J40 F . 21.41 -11.86 4.01
O13 J40 F . 21.25 -11.08 5.42
O11 J40 F . 22.53 -12.83 4.33
O6 J40 F . 20.52 -14.60 5.95
O1 J40 F . 20.23 -12.96 3.73
C1 J40 F . 19.08 -13.31 4.53
C6 J40 F . 19.50 -13.61 5.96
C2 J40 F . 18.03 -12.21 4.50
O2 J40 F . 18.51 -11.02 5.11
C3 J40 F . 16.80 -12.72 5.24
O3 J40 F . 15.76 -11.76 5.20
C4 J40 F . 17.15 -13.08 6.67
O4 J40 F . 15.98 -13.70 7.26
P4 J40 F . 15.59 -13.40 8.79
O41 J40 F . 16.01 -14.69 9.50
O42 J40 F . 14.17 -13.06 8.99
O43 J40 F . 16.51 -12.27 9.21
C5 J40 F . 18.30 -14.08 6.75
O5 J40 F . 18.67 -14.29 8.11
C7 J40 F . 21.57 -9.67 5.41
C8 J40 F . 23.05 -9.42 5.20
C9 J40 F . 23.33 -7.94 5.12
O16 J40 F . 23.83 -10.01 6.28
C10 J40 F . 24.67 -11.02 5.97
O17 J40 F . 24.88 -11.39 4.85
O18 J40 F . 23.16 -7.33 6.42
C11 J40 F . 23.35 -6.02 6.51
O19 J40 F . 23.64 -5.31 5.57
C12 J40 F . 25.34 -11.57 7.19
C13 J40 F . 26.33 -12.69 6.89
C14 J40 F . 27.03 -13.24 8.13
C15 J40 F . 28.21 -14.10 7.81
C16 J40 F . 28.33 -14.95 6.81
C17 J40 F . 29.53 -15.78 6.48
C18 J40 F . 29.70 -15.97 5.00
C19 J40 F . 28.98 -16.76 4.22
C20 J40 F . 29.14 -16.95 2.73
C21 J40 F . 30.57 -16.90 2.27
C22 J40 F . 31.51 -17.82 2.45
C23 J40 F . 31.38 -19.15 3.14
C24 J40 F . 31.40 -20.30 2.17
C31 J40 F . 23.16 -5.53 7.91
C32 J40 F . 24.48 -5.11 8.56
C33 J40 F . 24.31 -4.75 10.02
C34 J40 F . 24.09 -5.94 10.93
C35 J40 F . 23.99 -5.55 12.40
C36 J40 F . 25.08 -4.60 12.84
C37 J40 F . 24.98 -4.19 14.30
C38 J40 F . 25.45 -5.27 15.26
C39 J40 F . 25.14 -4.94 16.71
C40 J40 F . 23.66 -4.88 17.01
C25 J40 F . 32.45 -20.79 1.52
C26 J40 F . 33.86 -20.33 1.63
C41 J40 F . 23.29 -3.92 18.13
C42 J40 F . 23.57 -2.47 17.78
C43 J40 F . 22.73 -1.98 16.62
CAA Y01 G . 28.57 -11.30 19.86
CBA Y01 G . 29.86 -11.93 19.32
CAB Y01 G . 29.65 -13.42 18.99
CAN Y01 G . 31.04 -11.74 20.32
CAJ Y01 G . 30.78 -12.19 21.77
CAO Y01 G . 32.01 -12.05 22.67
CBB Y01 G . 31.76 -12.17 24.18
CAC Y01 G . 31.24 -13.58 24.53
CBE Y01 G . 33.03 -11.76 24.97
CAP Y01 G . 33.40 -10.25 24.79
CAQ Y01 G . 34.23 -9.83 26.04
CBG Y01 G . 34.42 -11.15 26.79
CBI Y01 G . 33.12 -11.94 26.52
CAE Y01 G . 31.88 -11.29 27.20
CAU Y01 G . 33.35 -13.37 27.03
CAS Y01 G . 33.77 -13.38 28.52
CBF Y01 G . 35.03 -12.54 28.80
CBD Y01 G . 34.86 -11.10 28.26
CAK Y01 G . 36.18 -10.33 28.41
CAI Y01 G . 36.93 -10.65 29.66
CAZ Y01 G . 36.57 -11.56 30.56
CAV Y01 G . 37.25 -11.66 31.91
CBH Y01 G . 35.48 -12.60 30.30
CAD Y01 G . 34.30 -12.32 31.25
CAT Y01 G . 36.10 -13.98 30.60
CAR Y01 G . 36.73 -14.09 32.00
CBC Y01 G . 37.81 -13.05 32.20
OAW Y01 G . 38.29 -13.03 33.58
CAY Y01 G . 38.35 -14.17 34.29
OAG Y01 G . 37.56 -14.46 35.14
CAM Y01 G . 39.54 -15.02 33.90
CAL Y01 G . 40.89 -14.29 34.07
CAX Y01 G . 41.12 -13.76 35.49
OAH Y01 G . 41.31 -12.53 35.65
OAF Y01 G . 41.09 -14.57 36.43
CAA Y01 H . 27.78 -15.15 15.94
CBA Y01 H . 28.59 -16.31 16.54
CAB Y01 H . 27.70 -17.16 17.45
CAN Y01 H . 29.23 -17.18 15.41
CAJ Y01 H . 28.28 -18.10 14.64
CAO Y01 H . 28.87 -18.63 13.32
CBB Y01 H . 27.99 -19.59 12.48
CAC Y01 H . 26.57 -19.04 12.37
CBE Y01 H . 28.66 -19.85 11.11
CAP Y01 H . 29.95 -20.74 11.25
CAQ Y01 H . 30.11 -21.52 9.91
CBG Y01 H . 29.09 -20.85 8.99
CBI Y01 H . 27.89 -20.53 9.92
CAE Y01 H . 27.16 -21.80 10.41
CAU Y01 H . 26.94 -19.63 9.13
CAS Y01 H . 26.53 -20.25 7.78
CBF Y01 H . 27.74 -20.63 6.90
CBD Y01 H . 28.73 -21.53 7.67
CAK Y01 H . 29.99 -21.78 6.83
CAI Y01 H . 29.71 -22.00 5.37
CAZ Y01 H . 28.53 -21.85 4.79
CAV Y01 H . 28.31 -22.25 3.34
CBH Y01 H . 27.33 -21.21 5.49
CAD Y01 H . 26.21 -22.29 5.63
CAT Y01 H . 26.86 -20.05 4.58
CAR Y01 H . 26.59 -20.46 3.13
CBC Y01 H . 27.82 -21.07 2.51
OAW Y01 H . 27.46 -21.52 1.15
CAY Y01 H . 28.36 -22.16 0.40
OAG Y01 H . 29.45 -21.73 0.18
CAM Y01 H . 27.85 -23.51 -0.13
CAL Y01 H . 28.65 -24.72 0.37
CAX Y01 H . 28.17 -26.07 -0.14
OAH Y01 H . 27.19 -26.10 -0.92
OAF Y01 H . 28.77 -27.11 0.24
#